data_4IDT
#
_entry.id   4IDT
#
_cell.length_a   84.530
_cell.length_b   84.530
_cell.length_c   117.947
_cell.angle_alpha   90.000
_cell.angle_beta   90.000
_cell.angle_gamma   90.000
#
_symmetry.space_group_name_H-M   'P 41'
#
loop_
_entity.id
_entity.type
_entity.pdbx_description
1 polymer 'Mitogen-activated protein kinase kinase kinase 14'
2 non-polymer "11-bromo-5,6,7,8-tetrahydropyrimido[4',5':3,4]cyclohepta[1,2-b]indol-2-amine"
3 water water
#
_entity_poly.entity_id   1
_entity_poly.type   'polypeptide(L)'
_entity_poly.pdbx_seq_one_letter_code
;GAMGSKFSVEEYLVHALQGSVSSGQAHSLTSLAKTWAARGSRSREPSPKTEDNEGVLLTEKLKPVDYEYREEVHWATHQL
RLGRGSFGEVHRMEDKQTGFQCAVKKVRLEVFRAEELMACAGLTSPRIVPLYGAVREGPWVNIFMELLEGGSLGQLVKEQ
GCLPEDRALYYLGQALEGLEYLHSRRILHGDVKADNVLLSSDGSHAALCDFGHAVCLQPDGLGKDLLTGDYIPGTETHMA
PEVVLGRSCDAKVDVWSSCCMMLHMLNGCHPWTQFFRGPLCLKIASEPPPVREIPPSCAPLTAQAIQEGLRKEPIHRVSA
AELGGKVNRALQQVGGLKSPWRGEYKEPRHPPPNQA
;
_entity_poly.pdbx_strand_id   A,B
#
# COMPACT_ATOMS: atom_id res chain seq x y z
N VAL A 9 -27.51 11.83 13.62
CA VAL A 9 -27.44 12.91 12.64
C VAL A 9 -26.01 13.08 12.17
N GLU A 10 -25.81 13.37 10.90
CA GLU A 10 -24.48 13.31 10.35
C GLU A 10 -24.05 11.85 10.51
N GLU A 11 -24.55 11.20 11.56
CA GLU A 11 -24.63 9.77 11.56
C GLU A 11 -25.65 9.33 10.53
N TYR A 12 -26.54 10.21 10.09
CA TYR A 12 -27.54 9.84 9.09
C TYR A 12 -27.05 10.11 7.67
N LEU A 13 -26.28 11.19 7.53
CA LEU A 13 -25.69 11.52 6.25
C LEU A 13 -24.66 10.45 5.93
N VAL A 14 -23.94 10.04 6.97
CA VAL A 14 -22.97 8.97 6.86
C VAL A 14 -23.66 7.67 6.41
N HIS A 15 -24.82 7.35 6.99
CA HIS A 15 -25.53 6.12 6.60
C HIS A 15 -25.98 6.23 5.15
N ALA A 16 -26.29 7.44 4.71
CA ALA A 16 -26.78 7.65 3.36
C ALA A 16 -25.66 7.53 2.33
N LEU A 17 -24.45 7.89 2.75
CA LEU A 17 -23.27 7.85 1.87
C LEU A 17 -22.66 6.45 1.80
N GLN A 18 -22.71 5.74 2.92
CA GLN A 18 -22.13 4.40 3.02
C GLN A 18 -22.63 3.46 1.94
N GLY A 19 -21.71 2.68 1.39
CA GLY A 19 -22.02 1.70 0.37
C GLY A 19 -22.07 2.23 -1.05
N SER A 20 -21.96 3.55 -1.23
CA SER A 20 -22.07 4.15 -2.56
C SER A 20 -20.97 5.17 -2.87
N VAL A 21 -20.66 5.33 -4.15
CA VAL A 21 -19.78 6.39 -4.60
C VAL A 21 -20.62 7.49 -5.24
N SER A 22 -20.52 8.68 -4.68
CA SER A 22 -21.36 9.79 -5.12
C SER A 22 -20.51 10.99 -5.50
N SER A 23 -21.02 11.77 -6.44
CA SER A 23 -20.53 13.09 -6.69
C SER A 23 -21.14 13.95 -5.58
N GLY A 24 -20.34 14.82 -4.96
CA GLY A 24 -20.82 15.57 -3.81
C GLY A 24 -19.85 16.62 -3.32
N GLN A 25 -20.04 17.05 -2.07
CA GLN A 25 -19.25 18.14 -1.49
C GLN A 25 -18.26 17.62 -0.45
N ALA A 26 -17.28 18.46 -0.12
CA ALA A 26 -16.22 18.10 0.81
C ALA A 26 -16.74 17.53 2.14
N HIS A 27 -17.75 18.16 2.73
CA HIS A 27 -18.24 17.77 4.05
C HIS A 27 -18.68 16.31 4.07
N SER A 28 -19.28 15.86 2.98
CA SER A 28 -19.70 14.47 2.86
C SER A 28 -18.50 13.53 2.85
N LEU A 29 -17.48 13.89 2.08
CA LEU A 29 -16.27 13.09 2.02
C LEU A 29 -15.60 13.03 3.39
N THR A 30 -15.59 14.16 4.08
CA THR A 30 -14.98 14.25 5.40
C THR A 30 -15.67 13.30 6.40
N SER A 31 -16.99 13.25 6.33
CA SER A 31 -17.78 12.44 7.24
C SER A 31 -17.53 10.95 7.04
N LEU A 32 -17.36 10.57 5.78
CA LEU A 32 -17.06 9.19 5.42
C LEU A 32 -15.63 8.81 5.84
N ALA A 33 -14.70 9.73 5.64
CA ALA A 33 -13.30 9.49 5.98
C ALA A 33 -13.11 9.18 7.45
N LYS A 34 -13.96 9.74 8.31
CA LYS A 34 -13.86 9.47 9.74
C LYS A 34 -14.20 8.02 10.01
N THR A 35 -15.16 7.48 9.27
CA THR A 35 -15.54 6.09 9.40
C THR A 35 -14.43 5.18 8.88
N TRP A 36 -13.69 5.63 7.86
CA TRP A 36 -12.60 4.83 7.30
C TRP A 36 -11.46 4.69 8.31
N ALA A 37 -11.15 5.80 8.97
CA ALA A 37 -10.06 5.81 9.95
C ALA A 37 -10.40 5.02 11.20
N ALA A 38 -11.68 4.95 11.55
CA ALA A 38 -12.10 4.23 12.75
C ALA A 38 -12.08 2.74 12.54
N ARG A 39 -12.53 2.30 11.39
CA ARG A 39 -12.63 0.89 11.08
C ARG A 39 -11.30 0.27 10.65
N GLY A 40 -10.37 1.10 10.18
CA GLY A 40 -9.02 0.63 9.89
C GLY A 40 -8.25 0.30 11.16
N SER A 41 -8.72 0.85 12.28
CA SER A 41 -8.19 0.52 13.59
C SER A 41 -8.87 -0.75 14.09
N ARG A 42 -9.99 -1.06 13.45
CA ARG A 42 -10.79 -2.23 13.74
C ARG A 42 -10.41 -3.39 12.83
N SER A 43 -9.57 -4.30 13.32
CA SER A 43 -9.29 -5.55 12.63
C SER A 43 -10.61 -6.17 12.19
N ARG A 44 -10.72 -6.52 10.90
CA ARG A 44 -12.00 -6.92 10.35
C ARG A 44 -12.16 -8.44 10.20
N GLU A 45 -13.32 -8.81 9.69
CA GLU A 45 -13.83 -10.18 9.53
C GLU A 45 -13.70 -10.68 8.08
N PRO A 46 -14.33 -11.83 7.77
CA PRO A 46 -14.33 -12.42 6.42
C PRO A 46 -14.78 -11.45 5.34
N SER A 47 -13.98 -11.35 4.27
CA SER A 47 -14.24 -10.39 3.21
C SER A 47 -15.33 -10.89 2.26
N PRO A 48 -16.26 -10.00 1.87
CA PRO A 48 -17.24 -10.37 0.85
C PRO A 48 -16.54 -10.52 -0.49
N LYS A 49 -17.12 -11.28 -1.40
CA LYS A 49 -16.48 -11.56 -2.68
C LYS A 49 -16.31 -10.25 -3.44
N THR A 50 -17.33 -9.39 -3.35
CA THR A 50 -17.26 -8.06 -3.94
C THR A 50 -16.94 -7.04 -2.88
N GLU A 51 -15.76 -6.46 -3.01
CA GLU A 51 -15.29 -5.46 -2.08
C GLU A 51 -16.30 -4.33 -1.97
N ASP A 52 -16.47 -3.83 -0.75
CA ASP A 52 -17.21 -2.60 -0.55
C ASP A 52 -16.62 -1.53 -1.45
N ASN A 53 -17.47 -0.63 -1.94
CA ASN A 53 -17.05 0.44 -2.82
C ASN A 53 -17.83 1.69 -2.47
N GLU A 54 -17.16 2.63 -1.81
CA GLU A 54 -17.81 3.84 -1.33
C GLU A 54 -16.88 5.04 -1.36
N GLY A 55 -17.45 6.23 -1.51
CA GLY A 55 -16.65 7.44 -1.48
C GLY A 55 -17.36 8.62 -2.10
N VAL A 56 -16.62 9.71 -2.25
CA VAL A 56 -17.16 10.94 -2.80
C VAL A 56 -16.18 11.59 -3.77
N LEU A 57 -16.67 11.91 -4.97
CA LEU A 57 -15.88 12.62 -5.97
C LEU A 57 -16.28 14.09 -5.99
N LEU A 58 -15.27 14.96 -6.04
CA LEU A 58 -15.48 16.41 -5.87
C LEU A 58 -15.49 17.19 -7.18
N THR A 59 -15.15 16.51 -8.28
CA THR A 59 -15.20 17.12 -9.60
C THR A 59 -15.89 16.23 -10.62
N GLU A 60 -16.63 16.84 -11.54
CA GLU A 60 -17.33 16.12 -12.58
C GLU A 60 -16.36 15.44 -13.55
N LYS A 61 -15.08 15.81 -13.50
CA LYS A 61 -14.08 15.14 -14.33
C LYS A 61 -13.80 13.71 -13.86
N LEU A 62 -14.24 13.38 -12.65
CA LEU A 62 -14.19 12.01 -12.14
C LEU A 62 -15.61 11.53 -11.88
N LYS A 63 -16.08 10.56 -12.65
CA LYS A 63 -17.51 10.23 -12.65
C LYS A 63 -17.79 8.79 -12.27
N PRO A 64 -18.54 8.61 -11.20
CA PRO A 64 -19.00 7.27 -10.84
C PRO A 64 -20.06 6.82 -11.84
N VAL A 65 -20.16 5.52 -12.08
CA VAL A 65 -21.24 5.00 -12.90
C VAL A 65 -22.08 4.04 -12.06
N ASP A 66 -23.36 4.36 -11.93
CA ASP A 66 -24.26 3.56 -11.13
C ASP A 66 -23.70 3.43 -9.72
N TYR A 67 -23.20 4.57 -9.23
CA TYR A 67 -22.73 4.70 -7.85
C TYR A 67 -21.53 3.83 -7.53
N GLU A 68 -20.74 3.54 -8.55
CA GLU A 68 -19.50 2.79 -8.38
C GLU A 68 -18.32 3.55 -9.00
N TYR A 69 -17.12 3.21 -8.52
CA TYR A 69 -15.90 3.74 -9.09
C TYR A 69 -14.77 2.83 -8.65
N ARG A 70 -14.34 1.98 -9.57
CA ARG A 70 -13.55 0.81 -9.25
C ARG A 70 -12.36 0.78 -10.15
N GLU A 71 -11.20 0.50 -9.57
CA GLU A 71 -9.98 0.43 -10.34
C GLU A 71 -10.09 -0.69 -11.39
N GLU A 72 -9.64 -0.37 -12.60
CA GLU A 72 -9.61 -1.30 -13.73
C GLU A 72 -10.95 -1.37 -14.46
N VAL A 73 -12.00 -0.84 -13.86
CA VAL A 73 -13.30 -0.84 -14.51
C VAL A 73 -13.68 0.57 -14.94
N HIS A 74 -13.62 1.50 -14.01
CA HIS A 74 -14.04 2.88 -14.27
C HIS A 74 -12.85 3.83 -14.42
N TRP A 75 -11.70 3.40 -13.90
CA TRP A 75 -10.48 4.20 -14.01
C TRP A 75 -9.27 3.29 -13.89
N ALA A 76 -8.10 3.80 -14.26
CA ALA A 76 -6.89 2.99 -14.18
C ALA A 76 -5.63 3.83 -14.00
N THR A 77 -4.61 3.22 -13.41
CA THR A 77 -3.30 3.84 -13.25
C THR A 77 -2.46 3.65 -14.51
N HIS A 78 -1.53 4.56 -14.72
CA HIS A 78 -0.54 4.42 -15.76
C HIS A 78 0.69 3.73 -15.20
N GLN A 79 1.44 3.12 -16.11
CA GLN A 79 2.65 2.37 -15.80
C GLN A 79 3.46 2.86 -14.59
N LEU A 80 4.08 4.03 -14.70
CA LEU A 80 5.16 4.37 -13.78
C LEU A 80 4.73 5.14 -12.53
N ARG A 81 5.34 4.78 -11.41
CA ARG A 81 5.08 5.45 -10.14
C ARG A 81 5.50 6.92 -10.18
N LEU A 82 4.60 7.80 -9.77
CA LEU A 82 4.87 9.23 -9.72
C LEU A 82 5.76 9.56 -8.54
N GLY A 83 5.39 9.01 -7.38
CA GLY A 83 6.09 9.33 -6.16
C GLY A 83 5.67 8.44 -5.03
N ARG A 84 6.21 8.74 -3.86
CA ARG A 84 5.87 7.97 -2.68
C ARG A 84 5.58 8.89 -1.53
N GLY A 85 4.32 8.88 -1.09
CA GLY A 85 3.89 9.66 0.05
C GLY A 85 4.13 8.96 1.36
N SER A 86 3.74 9.61 2.44
CA SER A 86 3.98 9.11 3.78
C SER A 86 3.25 7.78 4.04
N PHE A 87 2.05 7.64 3.49
CA PHE A 87 1.25 6.44 3.75
C PHE A 87 0.78 5.73 2.49
N GLY A 88 1.21 6.20 1.33
CA GLY A 88 0.85 5.50 0.10
C GLY A 88 1.67 5.96 -1.08
N GLU A 89 1.77 5.08 -2.07
CA GLU A 89 2.40 5.42 -3.32
C GLU A 89 1.44 6.24 -4.17
N VAL A 90 2.01 7.05 -5.06
CA VAL A 90 1.23 7.96 -5.87
C VAL A 90 1.44 7.60 -7.33
N HIS A 91 0.34 7.54 -8.09
CA HIS A 91 0.41 7.21 -9.51
C HIS A 91 -0.36 8.20 -10.38
N ARG A 92 -0.07 8.19 -11.67
CA ARG A 92 -0.89 8.86 -12.66
C ARG A 92 -2.09 7.97 -12.97
N MET A 93 -3.25 8.57 -13.18
CA MET A 93 -4.44 7.80 -13.52
C MET A 93 -5.34 8.50 -14.52
N GLU A 94 -6.21 7.70 -15.12
CA GLU A 94 -7.18 8.18 -16.09
C GLU A 94 -8.60 7.70 -15.78
N ASP A 95 -9.57 8.61 -15.81
CA ASP A 95 -10.96 8.22 -15.76
C ASP A 95 -11.32 7.70 -17.15
N LYS A 96 -11.80 6.47 -17.26
CA LYS A 96 -12.00 5.84 -18.56
C LYS A 96 -13.17 6.43 -19.35
N GLN A 97 -14.08 7.11 -18.68
CA GLN A 97 -15.23 7.66 -19.37
C GLN A 97 -14.97 9.08 -19.87
N THR A 98 -14.24 9.86 -19.08
CA THR A 98 -14.09 11.29 -19.32
C THR A 98 -12.70 11.64 -19.89
N GLY A 99 -11.75 10.73 -19.75
CA GLY A 99 -10.43 10.97 -20.30
C GLY A 99 -9.57 11.86 -19.42
N PHE A 100 -10.13 12.30 -18.30
CA PHE A 100 -9.40 13.18 -17.39
C PHE A 100 -8.17 12.49 -16.81
N GLN A 101 -7.04 13.19 -16.81
CA GLN A 101 -5.82 12.70 -16.18
C GLN A 101 -5.62 13.42 -14.86
N CYS A 102 -5.37 12.64 -13.80
CA CYS A 102 -5.09 13.23 -12.49
C CYS A 102 -4.11 12.30 -11.78
N ALA A 103 -3.93 12.49 -10.48
CA ALA A 103 -3.09 11.61 -9.69
C ALA A 103 -3.87 10.87 -8.61
N VAL A 104 -3.38 9.69 -8.25
CA VAL A 104 -4.01 8.93 -7.18
C VAL A 104 -2.97 8.45 -6.17
N LYS A 105 -3.31 8.63 -4.90
CA LYS A 105 -2.51 8.06 -3.82
C LYS A 105 -3.30 6.95 -3.15
N LYS A 106 -2.72 5.76 -3.17
CA LYS A 106 -3.39 4.59 -2.66
C LYS A 106 -2.93 4.28 -1.23
N VAL A 107 -3.86 4.30 -0.29
CA VAL A 107 -3.52 4.10 1.12
C VAL A 107 -4.25 2.92 1.74
N ARG A 108 -3.50 2.06 2.43
CA ARG A 108 -4.14 0.98 3.20
C ARG A 108 -5.04 1.52 4.28
N LEU A 109 -6.24 0.96 4.37
CA LEU A 109 -7.21 1.37 5.36
C LEU A 109 -6.61 1.41 6.76
N GLU A 110 -5.77 0.43 7.08
CA GLU A 110 -5.24 0.28 8.41
C GLU A 110 -4.32 1.42 8.83
N VAL A 111 -3.79 2.16 7.87
CA VAL A 111 -2.91 3.28 8.19
C VAL A 111 -3.52 4.58 7.71
N PHE A 112 -4.79 4.55 7.32
CA PHE A 112 -5.45 5.74 6.80
C PHE A 112 -5.91 6.68 7.90
N ARG A 113 -5.50 7.93 7.80
CA ARG A 113 -5.95 8.97 8.71
C ARG A 113 -6.93 9.88 8.00
N ALA A 114 -8.06 10.13 8.63
CA ALA A 114 -9.08 11.02 8.07
C ALA A 114 -8.52 12.40 7.74
N GLU A 115 -7.57 12.87 8.54
CA GLU A 115 -6.98 14.20 8.33
C GLU A 115 -6.36 14.32 6.93
N GLU A 116 -5.98 13.18 6.38
CA GLU A 116 -5.47 13.10 5.02
C GLU A 116 -6.42 13.78 4.02
N LEU A 117 -7.72 13.77 4.31
CA LEU A 117 -8.73 14.42 3.47
C LEU A 117 -9.35 15.64 4.15
N MET A 118 -9.49 15.56 5.46
CA MET A 118 -10.06 16.67 6.25
C MET A 118 -9.26 17.96 6.14
N ALA A 119 -7.96 17.85 5.86
CA ALA A 119 -7.07 19.00 5.91
C ALA A 119 -6.95 19.74 4.57
N CYS A 120 -7.46 19.15 3.49
CA CYS A 120 -7.36 19.75 2.16
C CYS A 120 -8.69 19.76 1.44
N ALA A 121 -9.68 19.05 1.96
CA ALA A 121 -10.94 18.89 1.24
C ALA A 121 -11.76 20.18 1.19
N GLY A 122 -12.03 20.64 -0.03
CA GLY A 122 -12.86 21.82 -0.23
C GLY A 122 -12.04 23.08 -0.19
N LEU A 123 -10.75 22.94 0.12
CA LEU A 123 -9.86 24.09 0.21
C LEU A 123 -9.55 24.60 -1.19
N THR A 124 -9.49 25.93 -1.32
CA THR A 124 -9.37 26.57 -2.62
C THR A 124 -8.22 27.58 -2.65
N SER A 125 -7.05 27.16 -2.17
CA SER A 125 -5.85 27.96 -2.31
C SER A 125 -4.97 27.43 -3.45
N PRO A 126 -4.36 28.34 -4.22
CA PRO A 126 -3.45 27.95 -5.30
C PRO A 126 -2.15 27.33 -4.76
N ARG A 127 -1.89 27.48 -3.47
CA ARG A 127 -0.66 26.98 -2.85
C ARG A 127 -0.90 25.63 -2.20
N ILE A 128 -2.10 25.11 -2.39
CA ILE A 128 -2.47 23.81 -1.88
C ILE A 128 -3.00 22.93 -3.00
N VAL A 129 -2.35 21.79 -3.21
CA VAL A 129 -2.78 20.84 -4.22
C VAL A 129 -4.26 20.47 -4.02
N PRO A 130 -5.07 20.64 -5.07
CA PRO A 130 -6.52 20.38 -4.99
C PRO A 130 -6.87 18.90 -4.90
N LEU A 131 -7.83 18.62 -4.03
CA LEU A 131 -8.31 17.27 -3.82
C LEU A 131 -9.53 17.05 -4.71
N TYR A 132 -9.50 15.98 -5.50
CA TYR A 132 -10.58 15.68 -6.43
C TYR A 132 -11.58 14.69 -5.86
N GLY A 133 -11.21 14.03 -4.76
CA GLY A 133 -12.09 13.10 -4.10
C GLY A 133 -11.35 11.91 -3.52
N ALA A 134 -12.10 10.98 -2.93
CA ALA A 134 -11.51 9.76 -2.40
C ALA A 134 -12.49 8.62 -2.46
N VAL A 135 -12.01 7.47 -2.88
CA VAL A 135 -12.87 6.31 -3.03
C VAL A 135 -12.21 5.09 -2.42
N ARG A 136 -13.01 4.36 -1.65
CA ARG A 136 -12.57 3.16 -0.99
C ARG A 136 -12.96 1.90 -1.77
N GLU A 137 -12.01 1.01 -1.99
CA GLU A 137 -12.29 -0.35 -2.44
C GLU A 137 -11.75 -1.34 -1.41
N GLY A 138 -12.65 -1.94 -0.65
CA GLY A 138 -12.25 -2.84 0.41
C GLY A 138 -11.30 -2.15 1.38
N PRO A 139 -10.09 -2.71 1.57
CA PRO A 139 -9.11 -2.18 2.52
C PRO A 139 -8.15 -1.17 1.89
N TRP A 140 -8.59 -0.53 0.81
CA TRP A 140 -7.79 0.46 0.12
C TRP A 140 -8.55 1.76 -0.04
N VAL A 141 -7.90 2.85 0.32
CA VAL A 141 -8.46 4.18 0.06
C VAL A 141 -7.69 4.83 -1.08
N ASN A 142 -8.39 5.16 -2.15
CA ASN A 142 -7.80 5.86 -3.27
C ASN A 142 -8.08 7.35 -3.16
N ILE A 143 -7.02 8.14 -3.02
CA ILE A 143 -7.15 9.59 -2.87
C ILE A 143 -6.75 10.27 -4.17
N PHE A 144 -7.69 11.01 -4.73
CA PHE A 144 -7.49 11.63 -6.04
C PHE A 144 -7.16 13.12 -5.95
N MET A 145 -6.20 13.54 -6.77
CA MET A 145 -5.71 14.91 -6.74
C MET A 145 -5.17 15.38 -8.09
N GLU A 146 -5.05 16.68 -8.23
CA GLU A 146 -4.44 17.28 -9.40
C GLU A 146 -3.07 16.68 -9.70
N LEU A 147 -2.85 16.34 -10.97
CA LEU A 147 -1.55 15.88 -11.43
C LEU A 147 -0.68 17.09 -11.76
N LEU A 148 0.47 17.21 -11.12
CA LEU A 148 1.39 18.30 -11.45
C LEU A 148 2.57 17.81 -12.27
N GLU A 149 3.11 18.71 -13.07
CA GLU A 149 3.93 18.29 -14.19
C GLU A 149 5.40 18.68 -14.01
N GLY A 150 5.70 19.45 -12.98
CA GLY A 150 7.06 19.94 -12.77
C GLY A 150 7.82 19.25 -11.64
N GLY A 151 7.30 18.10 -11.20
CA GLY A 151 7.90 17.34 -10.12
C GLY A 151 7.82 18.06 -8.79
N SER A 152 8.50 17.51 -7.80
CA SER A 152 8.53 18.08 -6.47
C SER A 152 9.73 19.02 -6.30
N LEU A 153 9.59 19.98 -5.39
CA LEU A 153 10.67 20.84 -4.97
C LEU A 153 11.87 20.01 -4.50
N GLY A 154 11.59 18.86 -3.89
CA GLY A 154 12.63 17.93 -3.47
C GLY A 154 13.49 17.41 -4.61
N GLN A 155 12.84 17.10 -5.73
CA GLN A 155 13.53 16.57 -6.90
C GLN A 155 14.37 17.67 -7.54
N LEU A 156 13.84 18.88 -7.50
CA LEU A 156 14.50 20.05 -8.08
C LEU A 156 15.81 20.29 -7.34
N VAL A 157 15.72 20.35 -6.02
CA VAL A 157 16.90 20.58 -5.18
C VAL A 157 17.97 19.52 -5.43
N LYS A 158 17.57 18.28 -5.60
CA LYS A 158 18.52 17.20 -5.80
C LYS A 158 19.20 17.30 -7.17
N GLU A 159 18.44 17.66 -8.19
CA GLU A 159 19.01 17.75 -9.53
C GLU A 159 19.83 19.03 -9.75
N GLN A 160 19.59 20.06 -8.94
CA GLN A 160 20.38 21.30 -9.04
C GLN A 160 21.44 21.43 -7.95
N GLY A 161 21.49 20.46 -7.02
CA GLY A 161 22.41 20.56 -5.90
C GLY A 161 21.84 21.51 -4.84
N CYS A 162 21.67 22.78 -5.22
CA CYS A 162 21.01 23.77 -4.36
C CYS A 162 20.36 24.80 -5.25
N LEU A 163 19.46 25.58 -4.66
CA LEU A 163 18.79 26.64 -5.37
C LEU A 163 19.42 27.97 -5.02
N PRO A 164 19.36 28.93 -5.95
CA PRO A 164 19.78 30.31 -5.71
C PRO A 164 18.88 30.97 -4.66
N GLU A 165 19.44 31.92 -3.92
CA GLU A 165 18.71 32.58 -2.84
C GLU A 165 17.32 33.03 -3.28
N ASP A 166 17.23 33.66 -4.44
CA ASP A 166 15.95 34.22 -4.89
C ASP A 166 14.87 33.15 -5.14
N ARG A 167 15.23 32.09 -5.87
CA ARG A 167 14.35 30.95 -6.07
C ARG A 167 13.90 30.37 -4.73
N ALA A 168 14.86 30.16 -3.84
CA ALA A 168 14.57 29.62 -2.52
C ALA A 168 13.54 30.46 -1.79
N LEU A 169 13.74 31.78 -1.78
CA LEU A 169 12.80 32.68 -1.15
C LEU A 169 11.43 32.58 -1.78
N TYR A 170 11.43 32.49 -3.10
CA TYR A 170 10.21 32.49 -3.90
C TYR A 170 9.31 31.34 -3.48
N TYR A 171 9.88 30.14 -3.45
CA TYR A 171 9.15 28.93 -3.08
C TYR A 171 8.76 28.95 -1.61
N LEU A 172 9.69 29.33 -0.75
CA LEU A 172 9.41 29.44 0.67
C LEU A 172 8.18 30.30 0.88
N GLY A 173 8.17 31.47 0.23
CA GLY A 173 7.06 32.40 0.34
C GLY A 173 5.74 31.83 -0.12
N GLN A 174 5.72 31.14 -1.24
CA GLN A 174 4.50 30.52 -1.71
C GLN A 174 3.99 29.47 -0.74
N ALA A 175 4.92 28.67 -0.21
CA ALA A 175 4.58 27.67 0.78
C ALA A 175 3.98 28.33 2.01
N LEU A 176 4.52 29.49 2.39
CA LEU A 176 4.04 30.15 3.60
C LEU A 176 2.63 30.71 3.39
N GLU A 177 2.29 31.03 2.14
CA GLU A 177 0.93 31.44 1.81
C GLU A 177 -0.03 30.29 2.09
N GLY A 178 0.30 29.12 1.57
CA GLY A 178 -0.49 27.93 1.86
C GLY A 178 -0.59 27.64 3.34
N LEU A 179 0.54 27.71 4.04
CA LEU A 179 0.56 27.47 5.48
C LEU A 179 -0.36 28.44 6.23
N GLU A 180 -0.35 29.71 5.82
CA GLU A 180 -1.19 30.72 6.44
C GLU A 180 -2.67 30.40 6.23
N TYR A 181 -2.99 29.98 5.01
CA TYR A 181 -4.34 29.57 4.63
C TYR A 181 -4.81 28.40 5.50
N LEU A 182 -3.91 27.44 5.71
CA LEU A 182 -4.20 26.29 6.55
C LEU A 182 -4.38 26.66 8.02
N HIS A 183 -3.45 27.45 8.54
CA HIS A 183 -3.41 27.77 9.96
C HIS A 183 -4.61 28.59 10.41
N SER A 184 -5.03 29.52 9.56
CA SER A 184 -6.20 30.33 9.84
C SER A 184 -7.46 29.46 9.94
N ARG A 185 -7.37 28.25 9.37
CA ARG A 185 -8.46 27.27 9.39
C ARG A 185 -8.22 26.14 10.38
N ARG A 186 -7.30 26.35 11.32
CA ARG A 186 -7.06 25.38 12.41
C ARG A 186 -6.47 24.09 11.84
N ILE A 187 -5.73 24.23 10.75
CA ILE A 187 -5.13 23.09 10.06
C ILE A 187 -3.62 23.19 10.07
N LEU A 188 -3.03 22.16 10.63
CA LEU A 188 -1.59 22.00 10.65
C LEU A 188 -1.09 20.91 9.68
N HIS A 189 -0.12 21.25 8.83
CA HIS A 189 0.33 20.31 7.81
C HIS A 189 1.17 19.14 8.38
N GLY A 190 2.24 19.45 9.11
CA GLY A 190 2.93 18.45 9.91
C GLY A 190 4.10 17.73 9.25
N ASP A 191 4.34 18.04 7.99
CA ASP A 191 5.37 17.38 7.19
C ASP A 191 5.83 18.33 6.10
N VAL A 192 6.11 19.57 6.48
CA VAL A 192 6.53 20.59 5.52
C VAL A 192 7.99 20.41 5.14
N LYS A 193 8.23 20.00 3.90
CA LYS A 193 9.56 19.74 3.40
C LYS A 193 9.48 19.81 1.90
N ALA A 194 10.63 19.90 1.26
CA ALA A 194 10.68 20.05 -0.19
C ALA A 194 9.95 18.91 -0.90
N ASP A 195 10.11 17.69 -0.39
CA ASP A 195 9.46 16.52 -1.00
C ASP A 195 7.94 16.65 -1.03
N ASN A 196 7.40 17.53 -0.20
CA ASN A 196 5.95 17.72 -0.17
C ASN A 196 5.48 19.06 -0.73
N VAL A 197 6.31 19.71 -1.54
CA VAL A 197 5.79 20.80 -2.35
C VAL A 197 6.00 20.49 -3.83
N LEU A 198 4.94 20.67 -4.59
CA LEU A 198 4.90 20.26 -5.98
C LEU A 198 4.90 21.47 -6.92
N LEU A 199 5.53 21.29 -8.07
CA LEU A 199 5.82 22.40 -8.97
C LEU A 199 5.09 22.31 -10.31
N SER A 200 4.64 23.47 -10.79
CA SER A 200 4.17 23.63 -12.17
C SER A 200 5.24 23.27 -13.19
N SER A 201 4.82 23.04 -14.43
CA SER A 201 5.74 22.73 -15.53
C SER A 201 6.78 23.82 -15.75
N ASP A 202 6.41 25.08 -15.51
CA ASP A 202 7.35 26.18 -15.72
C ASP A 202 8.01 26.64 -14.41
N GLY A 203 7.80 25.87 -13.33
CA GLY A 203 8.45 26.15 -12.07
C GLY A 203 7.91 27.37 -11.33
N SER A 204 6.91 28.02 -11.90
CA SER A 204 6.41 29.29 -11.36
C SER A 204 5.44 29.12 -10.17
N HIS A 205 4.77 27.98 -10.11
CA HIS A 205 3.73 27.72 -9.11
C HIS A 205 4.11 26.53 -8.25
N ALA A 206 4.03 26.72 -6.95
CA ALA A 206 4.35 25.67 -5.99
C ALA A 206 3.13 25.41 -5.10
N ALA A 207 2.92 24.17 -4.68
CA ALA A 207 1.80 23.85 -3.81
C ALA A 207 2.09 22.67 -2.87
N LEU A 208 1.51 22.72 -1.66
CA LEU A 208 1.68 21.67 -0.64
C LEU A 208 0.89 20.42 -1.04
N CYS A 209 1.44 19.21 -0.82
CA CYS A 209 0.86 18.03 -1.46
C CYS A 209 0.29 16.94 -0.53
N ASP A 210 0.99 16.61 0.56
CA ASP A 210 0.66 15.36 1.30
C ASP A 210 0.29 15.57 2.76
N PHE A 211 -0.98 15.38 3.08
CA PHE A 211 -1.47 15.73 4.42
C PHE A 211 -1.58 14.53 5.35
N GLY A 212 -0.80 13.49 5.10
CA GLY A 212 -0.79 12.31 5.94
C GLY A 212 -0.38 12.55 7.39
N HIS A 213 0.24 13.69 7.66
CA HIS A 213 0.72 14.01 9.01
C HIS A 213 -0.07 15.15 9.60
N ALA A 214 -1.06 15.61 8.86
CA ALA A 214 -1.83 16.76 9.25
C ALA A 214 -2.61 16.50 10.52
N VAL A 215 -2.88 17.56 11.28
CA VAL A 215 -3.77 17.43 12.41
C VAL A 215 -4.68 18.65 12.44
N CYS A 216 -5.93 18.40 12.80
CA CYS A 216 -6.96 19.41 12.79
C CYS A 216 -7.11 19.92 14.22
N LEU A 217 -6.60 21.11 14.45
CA LEU A 217 -6.54 21.70 15.77
C LEU A 217 -7.87 22.09 16.37
N GLN A 218 -7.80 22.31 17.68
CA GLN A 218 -8.89 22.80 18.47
C GLN A 218 -8.45 24.15 19.04
N THR A 228 -4.52 19.34 20.77
CA THR A 228 -3.31 18.72 20.26
C THR A 228 -2.94 17.52 21.12
N GLY A 229 -1.69 17.07 21.02
CA GLY A 229 -1.23 15.91 21.76
C GLY A 229 -1.05 14.72 20.85
N ASP A 230 -1.55 14.86 19.62
CA ASP A 230 -1.73 13.75 18.70
C ASP A 230 -0.99 13.97 17.39
N TYR A 231 0.11 14.72 17.45
CA TYR A 231 0.88 14.99 16.26
C TYR A 231 1.86 13.86 15.96
N ILE A 232 1.71 13.28 14.78
CA ILE A 232 2.61 12.24 14.33
C ILE A 232 3.78 12.86 13.61
N PRO A 233 4.98 12.63 14.12
CA PRO A 233 6.17 13.34 13.66
C PRO A 233 6.57 12.98 12.23
N GLY A 234 7.03 13.95 11.46
CA GLY A 234 7.55 13.70 10.12
C GLY A 234 9.05 13.41 10.15
N THR A 235 9.78 14.07 9.26
CA THR A 235 11.20 13.83 9.12
C THR A 235 11.99 14.55 10.22
N GLU A 236 12.84 13.81 10.92
CA GLU A 236 13.47 14.29 12.14
C GLU A 236 14.25 15.59 11.97
N THR A 237 14.85 15.78 10.81
CA THR A 237 15.64 16.98 10.55
C THR A 237 14.78 18.25 10.47
N HIS A 238 13.48 18.08 10.25
CA HIS A 238 12.55 19.20 10.05
C HIS A 238 11.67 19.41 11.27
N MET A 239 11.95 18.65 12.32
CA MET A 239 11.17 18.69 13.54
C MET A 239 11.59 19.84 14.46
N ALA A 240 10.58 20.53 14.96
CA ALA A 240 10.78 21.61 15.91
C ALA A 240 11.06 21.03 17.29
N PRO A 241 11.78 21.78 18.12
CA PRO A 241 12.17 21.41 19.49
C PRO A 241 10.98 20.97 20.35
N GLU A 242 9.83 21.60 20.17
CA GLU A 242 8.67 21.30 21.02
C GLU A 242 8.07 19.93 20.66
N VAL A 243 8.25 19.52 19.42
CA VAL A 243 7.81 18.20 18.99
C VAL A 243 8.69 17.16 19.66
N VAL A 244 9.99 17.40 19.55
CA VAL A 244 10.99 16.45 20.00
C VAL A 244 11.04 16.30 21.52
N LEU A 245 10.57 17.31 22.22
CA LEU A 245 10.52 17.30 23.68
C LEU A 245 9.26 16.62 24.20
N GLY A 246 8.31 16.35 23.32
CA GLY A 246 7.09 15.67 23.72
C GLY A 246 6.09 16.68 24.26
N ARG A 247 6.27 17.94 23.89
CA ARG A 247 5.36 18.98 24.34
C ARG A 247 4.19 19.07 23.38
N SER A 248 3.19 19.85 23.73
CA SER A 248 2.03 20.00 22.85
C SER A 248 2.42 20.90 21.69
N CYS A 249 1.79 20.67 20.55
CA CYS A 249 2.23 21.25 19.30
C CYS A 249 1.14 22.11 18.69
N ASP A 250 1.55 23.15 18.00
CA ASP A 250 0.62 24.01 17.28
C ASP A 250 1.20 24.33 15.91
N ALA A 251 0.54 25.26 15.21
CA ALA A 251 0.89 25.62 13.85
C ALA A 251 2.35 26.06 13.70
N LYS A 252 2.96 26.56 14.76
CA LYS A 252 4.33 27.07 14.67
C LYS A 252 5.31 25.99 14.22
N VAL A 253 4.93 24.74 14.50
CA VAL A 253 5.69 23.59 14.04
C VAL A 253 5.99 23.66 12.54
N ASP A 254 4.99 24.05 11.76
CA ASP A 254 5.15 24.16 10.31
C ASP A 254 6.14 25.26 9.93
N VAL A 255 6.15 26.33 10.70
CA VAL A 255 7.02 27.48 10.43
C VAL A 255 8.48 27.06 10.51
N TRP A 256 8.80 26.37 11.58
CA TRP A 256 10.12 25.78 11.76
C TRP A 256 10.49 24.83 10.61
N SER A 257 9.57 23.93 10.27
CA SER A 257 9.81 22.99 9.18
C SER A 257 10.12 23.75 7.90
N SER A 258 9.32 24.79 7.65
CA SER A 258 9.48 25.60 6.47
C SER A 258 10.89 26.18 6.39
N CYS A 259 11.44 26.58 7.53
CA CYS A 259 12.79 27.15 7.57
C CYS A 259 13.88 26.09 7.44
N CYS A 260 13.58 24.89 7.93
CA CYS A 260 14.43 23.74 7.71
C CYS A 260 14.49 23.45 6.22
N MET A 261 13.35 23.59 5.56
CA MET A 261 13.26 23.36 4.11
C MET A 261 14.05 24.42 3.37
N MET A 262 13.96 25.66 3.84
CA MET A 262 14.72 26.76 3.26
C MET A 262 16.22 26.48 3.31
N LEU A 263 16.70 26.08 4.48
CA LEU A 263 18.10 25.73 4.62
C LEU A 263 18.48 24.65 3.61
N HIS A 264 17.57 23.70 3.43
CA HIS A 264 17.79 22.59 2.51
C HIS A 264 17.92 23.07 1.07
N MET A 265 17.06 24.00 0.68
CA MET A 265 17.13 24.57 -0.65
C MET A 265 18.44 25.33 -0.85
N LEU A 266 18.86 26.06 0.17
CA LEU A 266 20.04 26.91 0.04
C LEU A 266 21.34 26.10 0.05
N ASN A 267 21.41 25.12 0.92
CA ASN A 267 22.63 24.34 1.14
C ASN A 267 22.71 23.01 0.41
N GLY A 268 21.56 22.49 -0.03
CA GLY A 268 21.53 21.26 -0.79
C GLY A 268 21.60 20.03 0.11
N CYS A 269 21.41 20.26 1.40
CA CYS A 269 21.46 19.21 2.40
C CYS A 269 20.59 19.70 3.54
N HIS A 270 19.99 18.78 4.27
CA HIS A 270 19.20 19.18 5.40
C HIS A 270 20.03 19.68 6.55
N PRO A 271 19.40 20.49 7.40
CA PRO A 271 20.02 20.92 8.64
C PRO A 271 20.37 19.73 9.52
N TRP A 272 21.32 19.92 10.42
CA TRP A 272 21.83 18.93 11.37
C TRP A 272 22.65 17.78 10.79
N THR A 273 22.28 17.27 9.62
CA THR A 273 22.88 16.05 9.11
C THR A 273 24.40 16.11 8.98
N GLN A 274 24.90 17.26 8.55
CA GLN A 274 26.32 17.38 8.27
C GLN A 274 27.16 17.57 9.54
N PHE A 275 26.49 17.67 10.70
CA PHE A 275 27.19 17.97 11.94
C PHE A 275 26.91 16.99 13.05
N PHE A 276 25.84 16.22 12.92
CA PHE A 276 25.52 15.27 13.96
C PHE A 276 25.08 13.95 13.42
N ARG A 277 25.03 13.01 14.35
CA ARG A 277 24.53 11.71 14.03
C ARG A 277 23.25 11.45 14.78
N GLY A 278 22.48 10.50 14.26
CA GLY A 278 21.15 10.24 14.75
C GLY A 278 21.17 9.38 16.00
N PRO A 279 20.07 9.40 16.74
CA PRO A 279 18.97 10.29 16.37
C PRO A 279 19.25 11.75 16.72
N LEU A 280 18.67 12.67 15.95
CA LEU A 280 18.96 14.09 16.06
C LEU A 280 18.05 14.73 17.09
N CYS A 281 17.10 13.93 17.57
CA CYS A 281 16.11 14.40 18.51
C CYS A 281 16.75 15.10 19.71
N LEU A 282 17.75 14.43 20.26
CA LEU A 282 18.49 14.96 21.40
C LEU A 282 19.13 16.30 21.05
N LYS A 283 19.78 16.35 19.89
CA LYS A 283 20.55 17.52 19.49
C LYS A 283 19.64 18.71 19.18
N ILE A 284 18.55 18.44 18.49
CA ILE A 284 17.57 19.48 18.21
C ILE A 284 17.09 20.15 19.49
N ALA A 285 16.87 19.35 20.52
CA ALA A 285 16.41 19.87 21.80
C ALA A 285 17.51 20.66 22.51
N SER A 286 18.72 20.13 22.51
CA SER A 286 19.79 20.64 23.35
C SER A 286 20.53 21.78 22.66
N GLU A 287 20.91 21.54 21.42
CA GLU A 287 21.67 22.52 20.66
C GLU A 287 20.87 23.78 20.39
N PRO A 288 21.57 24.86 20.06
CA PRO A 288 20.90 26.08 19.59
C PRO A 288 20.31 25.84 18.21
N PRO A 289 19.38 26.71 17.80
CA PRO A 289 18.81 26.57 16.46
C PRO A 289 19.92 26.62 15.40
N PRO A 290 19.77 25.87 14.30
CA PRO A 290 20.77 25.71 13.24
C PRO A 290 20.92 26.95 12.34
N VAL A 291 20.76 28.13 12.93
CA VAL A 291 20.93 29.39 12.20
C VAL A 291 22.37 29.54 11.70
N ARG A 292 23.28 28.76 12.28
CA ARG A 292 24.67 28.79 11.86
C ARG A 292 24.81 28.15 10.48
N GLU A 293 23.76 27.48 10.02
CA GLU A 293 23.79 26.84 8.71
C GLU A 293 23.30 27.81 7.64
N ILE A 294 22.86 28.98 8.05
CA ILE A 294 22.54 30.04 7.10
C ILE A 294 23.80 30.47 6.35
N PRO A 295 23.74 30.48 5.01
CA PRO A 295 24.91 30.88 4.23
C PRO A 295 25.28 32.34 4.46
N PRO A 296 26.55 32.62 4.75
CA PRO A 296 27.00 33.99 5.02
C PRO A 296 26.72 34.87 3.81
N SER A 297 26.70 34.27 2.63
CA SER A 297 26.45 35.01 1.39
C SER A 297 25.01 35.54 1.31
N CYS A 298 24.15 35.11 2.23
CA CYS A 298 22.75 35.49 2.16
C CYS A 298 22.53 36.96 2.54
N ALA A 299 21.44 37.51 2.02
CA ALA A 299 21.05 38.88 2.32
C ALA A 299 20.60 39.00 3.77
N PRO A 300 20.83 40.17 4.36
CA PRO A 300 20.43 40.47 5.74
C PRO A 300 18.99 40.07 6.05
N LEU A 301 18.05 40.43 5.18
CA LEU A 301 16.63 40.20 5.46
C LEU A 301 16.31 38.70 5.36
N THR A 302 17.01 38.00 4.47
CA THR A 302 16.89 36.56 4.36
C THR A 302 17.29 35.88 5.66
N ALA A 303 18.48 36.19 6.13
CA ALA A 303 19.01 35.61 7.36
C ALA A 303 18.16 35.88 8.59
N GLN A 304 17.64 37.09 8.72
CA GLN A 304 16.81 37.42 9.87
C GLN A 304 15.48 36.67 9.82
N ALA A 305 14.91 36.53 8.63
CA ALA A 305 13.67 35.78 8.46
C ALA A 305 13.83 34.34 8.94
N ILE A 306 14.90 33.69 8.50
CA ILE A 306 15.19 32.33 8.91
C ILE A 306 15.42 32.22 10.41
N GLN A 307 16.10 33.22 10.98
CA GLN A 307 16.34 33.24 12.43
C GLN A 307 15.06 33.26 13.23
N GLU A 308 14.09 34.04 12.75
CA GLU A 308 12.86 34.24 13.49
C GLU A 308 11.97 33.03 13.33
N GLY A 309 12.06 32.41 12.16
CA GLY A 309 11.37 31.16 11.89
C GLY A 309 11.94 30.00 12.68
N LEU A 310 13.23 30.07 13.01
CA LEU A 310 13.93 29.00 13.72
C LEU A 310 14.19 29.37 15.17
N ARG A 311 13.25 30.09 15.75
CA ARG A 311 13.27 30.33 17.17
C ARG A 311 12.80 29.09 17.91
N LYS A 312 13.59 28.65 18.88
CA LYS A 312 13.32 27.39 19.57
C LYS A 312 12.05 27.43 20.40
N GLU A 313 11.69 28.61 20.89
CA GLU A 313 10.45 28.76 21.64
C GLU A 313 9.33 29.15 20.66
N PRO A 314 8.39 28.23 20.41
CA PRO A 314 7.30 28.40 19.42
C PRO A 314 6.52 29.70 19.63
N ILE A 315 6.48 30.09 20.88
CA ILE A 315 5.78 31.28 21.32
C ILE A 315 6.39 32.56 20.78
N HIS A 316 7.72 32.62 20.76
CA HIS A 316 8.40 33.79 20.25
C HIS A 316 8.63 33.63 18.76
N ARG A 317 8.35 32.44 18.27
CA ARG A 317 8.57 32.15 16.87
C ARG A 317 7.48 32.83 16.07
N VAL A 318 7.86 33.40 14.93
CA VAL A 318 6.91 34.10 14.06
C VAL A 318 5.86 33.16 13.47
N SER A 319 4.72 33.74 13.11
CA SER A 319 3.65 33.01 12.43
C SER A 319 4.01 32.87 10.94
N ALA A 320 3.27 32.02 10.24
CA ALA A 320 3.49 31.82 8.81
C ALA A 320 3.25 33.11 8.03
N ALA A 321 2.22 33.84 8.42
CA ALA A 321 1.91 35.12 7.80
C ALA A 321 3.05 36.12 8.02
N GLU A 322 3.43 36.30 9.28
CA GLU A 322 4.58 37.11 9.63
C GLU A 322 5.81 36.72 8.82
N LEU A 323 6.16 35.43 8.81
CA LEU A 323 7.35 34.95 8.12
C LEU A 323 7.23 35.20 6.63
N GLY A 324 6.01 35.05 6.11
CA GLY A 324 5.74 35.25 4.71
C GLY A 324 6.08 36.66 4.26
N GLY A 325 5.69 37.64 5.07
CA GLY A 325 6.00 39.03 4.80
C GLY A 325 7.49 39.28 4.72
N LYS A 326 8.19 38.84 5.74
CA LYS A 326 9.62 39.07 5.84
C LYS A 326 10.31 38.47 4.63
N VAL A 327 9.78 37.36 4.15
CA VAL A 327 10.37 36.61 3.06
C VAL A 327 10.12 37.31 1.72
N ASN A 328 8.91 37.83 1.54
CA ASN A 328 8.61 38.65 0.37
C ASN A 328 9.54 39.88 0.29
N ARG A 329 9.73 40.56 1.41
CA ARG A 329 10.66 41.69 1.51
C ARG A 329 12.11 41.30 1.22
N ALA A 330 12.56 40.18 1.79
CA ALA A 330 13.89 39.69 1.48
C ALA A 330 14.05 39.43 -0.02
N LEU A 331 13.02 38.86 -0.64
CA LEU A 331 13.05 38.60 -2.08
C LEU A 331 13.22 39.91 -2.84
N GLN A 332 12.46 40.92 -2.45
CA GLN A 332 12.64 42.26 -2.96
C GLN A 332 14.09 42.70 -2.81
N GLN A 333 14.59 42.62 -1.58
CA GLN A 333 15.96 42.99 -1.29
C GLN A 333 17.01 42.37 -2.21
N VAL A 334 16.76 41.16 -2.70
CA VAL A 334 17.73 40.51 -3.56
C VAL A 334 17.46 40.80 -5.03
N GLY A 335 16.30 41.41 -5.31
CA GLY A 335 15.99 41.87 -6.66
C GLY A 335 14.82 41.11 -7.29
N GLY A 336 14.05 40.41 -6.47
CA GLY A 336 12.96 39.60 -6.97
C GLY A 336 13.49 38.38 -7.68
N LEU A 337 12.56 37.57 -8.21
CA LEU A 337 12.91 36.30 -8.84
C LEU A 337 13.45 36.52 -10.23
N LYS A 338 14.72 36.16 -10.42
CA LYS A 338 15.36 36.35 -11.71
C LYS A 338 16.14 35.12 -12.15
N SER A 339 16.55 34.29 -11.19
CA SER A 339 17.29 33.08 -11.49
C SER A 339 16.38 32.19 -12.36
N PRO A 340 16.98 31.49 -13.33
CA PRO A 340 16.23 30.70 -14.30
C PRO A 340 15.60 29.44 -13.73
N TRP A 341 14.46 29.07 -14.30
CA TRP A 341 13.67 27.93 -13.83
C TRP A 341 14.59 26.80 -13.36
N ARG A 342 15.11 26.00 -14.28
CA ARG A 342 15.96 24.88 -13.88
C ARG A 342 17.36 25.43 -13.75
N GLY A 343 18.18 25.31 -14.79
CA GLY A 343 19.45 25.98 -14.75
C GLY A 343 20.58 25.06 -14.41
N GLU A 344 21.67 25.69 -14.01
CA GLU A 344 22.95 25.05 -13.80
C GLU A 344 23.17 24.58 -12.37
N TYR A 345 23.78 23.40 -12.26
CA TYR A 345 24.11 22.77 -11.01
C TYR A 345 24.97 23.64 -10.11
N LYS A 346 24.56 23.75 -8.85
CA LYS A 346 25.34 24.45 -7.85
C LYS A 346 25.71 23.43 -6.78
N GLU A 347 27.01 23.22 -6.58
CA GLU A 347 27.47 22.17 -5.67
C GLU A 347 26.96 22.41 -4.25
N PRO A 348 26.35 21.37 -3.65
CA PRO A 348 25.86 21.46 -2.28
C PRO A 348 27.01 21.55 -1.29
N ARG A 349 26.70 22.06 -0.11
CA ARG A 349 27.68 22.30 0.92
C ARG A 349 28.31 20.99 1.41
N HIS A 350 29.63 20.98 1.57
CA HIS A 350 30.30 19.79 2.09
C HIS A 350 30.22 19.72 3.61
N PRO A 351 30.18 18.50 4.16
CA PRO A 351 30.32 18.35 5.62
C PRO A 351 31.78 18.33 6.05
N GLU B 10 21.47 -15.60 17.89
CA GLU B 10 20.22 -15.60 17.14
C GLU B 10 19.43 -14.30 17.35
N GLU B 11 19.52 -13.74 18.55
CA GLU B 11 19.28 -12.30 18.73
C GLU B 11 20.53 -11.62 18.19
N TYR B 12 21.57 -12.43 18.00
CA TYR B 12 22.83 -11.96 17.43
C TYR B 12 22.80 -12.07 15.91
N LEU B 13 22.11 -13.09 15.40
CA LEU B 13 21.96 -13.27 13.96
C LEU B 13 21.13 -12.12 13.44
N VAL B 14 20.08 -11.80 14.19
CA VAL B 14 19.21 -10.67 13.87
C VAL B 14 19.97 -9.35 13.85
N HIS B 15 20.79 -9.12 14.87
CA HIS B 15 21.54 -7.87 14.98
C HIS B 15 22.52 -7.69 13.81
N ALA B 16 23.06 -8.81 13.34
CA ALA B 16 24.07 -8.79 12.30
C ALA B 16 23.44 -8.49 10.93
N LEU B 17 22.20 -8.91 10.75
CA LEU B 17 21.47 -8.72 9.50
C LEU B 17 20.90 -7.32 9.35
N GLN B 18 20.47 -6.75 10.47
CA GLN B 18 19.86 -5.43 10.50
C GLN B 18 20.66 -4.30 9.88
N GLY B 19 19.96 -3.44 9.14
CA GLY B 19 20.58 -2.28 8.52
C GLY B 19 21.21 -2.61 7.19
N SER B 20 21.21 -3.89 6.82
CA SER B 20 21.84 -4.31 5.59
C SER B 20 20.95 -5.20 4.74
N VAL B 21 21.21 -5.18 3.43
CA VAL B 21 20.58 -6.12 2.53
C VAL B 21 21.66 -7.12 2.11
N SER B 22 21.42 -8.38 2.43
CA SER B 22 22.41 -9.43 2.19
C SER B 22 21.85 -10.56 1.36
N SER B 23 22.71 -11.18 0.57
CA SER B 23 22.41 -12.45 -0.07
C SER B 23 22.57 -13.49 1.02
N GLY B 24 21.60 -14.38 1.15
CA GLY B 24 21.60 -15.31 2.26
C GLY B 24 20.53 -16.37 2.16
N GLN B 25 20.24 -16.99 3.29
CA GLN B 25 19.33 -18.12 3.35
C GLN B 25 17.98 -17.80 4.01
N ALA B 26 17.02 -18.67 3.74
CA ALA B 26 15.65 -18.49 4.19
C ALA B 26 15.55 -18.18 5.68
N HIS B 27 16.25 -18.96 6.50
CA HIS B 27 16.13 -18.81 7.95
C HIS B 27 16.47 -17.39 8.39
N SER B 28 17.46 -16.80 7.74
CA SER B 28 17.88 -15.43 8.02
C SER B 28 16.77 -14.45 7.66
N LEU B 29 16.16 -14.66 6.50
CA LEU B 29 15.07 -13.82 6.05
C LEU B 29 13.92 -13.92 7.02
N THR B 30 13.66 -15.14 7.46
CA THR B 30 12.57 -15.44 8.38
C THR B 30 12.75 -14.73 9.73
N SER B 31 13.99 -14.70 10.22
CA SER B 31 14.29 -14.07 11.51
C SER B 31 14.12 -12.56 11.47
N LEU B 32 14.51 -11.96 10.36
CA LEU B 32 14.37 -10.52 10.16
C LEU B 32 12.89 -10.18 10.03
N ALA B 33 12.17 -11.02 9.30
CA ALA B 33 10.75 -10.80 9.05
C ALA B 33 9.97 -10.75 10.35
N LYS B 34 10.46 -11.45 11.36
CA LYS B 34 9.82 -11.42 12.67
C LYS B 34 9.95 -10.04 13.31
N THR B 35 11.10 -9.40 13.10
CA THR B 35 11.31 -8.06 13.63
C THR B 35 10.41 -7.04 12.92
N TRP B 36 10.11 -7.30 11.65
CA TRP B 36 9.27 -6.42 10.86
C TRP B 36 7.82 -6.41 11.37
N ALA B 37 7.32 -7.60 11.68
CA ALA B 37 5.93 -7.73 12.15
C ALA B 37 5.76 -7.11 13.53
N ALA B 38 6.82 -7.13 14.33
CA ALA B 38 6.81 -6.57 15.67
C ALA B 38 6.90 -5.04 15.61
N ARG B 39 7.70 -4.56 14.66
CA ARG B 39 7.97 -3.13 14.47
C ARG B 39 6.84 -2.39 13.74
N GLY B 40 6.02 -3.13 13.00
CA GLY B 40 4.86 -2.55 12.33
C GLY B 40 3.84 -2.12 13.37
N SER B 41 4.03 -2.63 14.58
CA SER B 41 3.27 -2.21 15.73
C SER B 41 3.97 -0.97 16.29
N ARG B 42 3.21 0.11 16.49
CA ARG B 42 3.75 1.35 17.12
C ARG B 42 3.76 2.61 16.27
N SER B 43 2.86 3.54 16.59
CA SER B 43 2.99 4.89 16.06
C SER B 43 4.48 5.19 16.22
N ARG B 44 5.11 5.71 15.17
CA ARG B 44 6.56 5.74 15.11
C ARG B 44 7.12 7.06 15.61
N GLU B 45 8.44 7.19 15.52
CA GLU B 45 9.16 8.35 16.00
C GLU B 45 9.50 9.17 14.77
N PRO B 46 10.22 10.28 14.94
CA PRO B 46 10.64 11.05 13.76
C PRO B 46 11.46 10.17 12.83
N SER B 47 11.11 10.16 11.55
CA SER B 47 11.74 9.27 10.58
C SER B 47 13.13 9.81 10.19
N PRO B 48 14.12 8.91 10.07
CA PRO B 48 15.39 9.40 9.57
C PRO B 48 15.26 9.80 8.11
N LYS B 49 16.11 10.72 7.70
CA LYS B 49 15.99 11.25 6.38
C LYS B 49 16.26 10.20 5.31
N THR B 50 17.23 9.35 5.59
CA THR B 50 17.49 8.21 4.73
C THR B 50 16.83 6.95 5.30
N GLU B 51 15.84 6.45 4.58
CA GLU B 51 15.10 5.27 5.02
C GLU B 51 16.00 4.10 5.35
N ASP B 52 15.66 3.39 6.43
CA ASP B 52 16.27 2.10 6.72
C ASP B 52 16.16 1.23 5.47
N ASN B 53 17.15 0.39 5.25
CA ASN B 53 17.17 -0.50 4.10
C ASN B 53 17.79 -1.82 4.52
N GLU B 54 16.95 -2.83 4.67
CA GLU B 54 17.42 -4.12 5.15
C GLU B 54 16.62 -5.28 4.56
N GLY B 55 17.25 -6.44 4.46
CA GLY B 55 16.54 -7.61 3.99
C GLY B 55 17.46 -8.71 3.52
N VAL B 56 16.86 -9.75 2.94
CA VAL B 56 17.63 -10.88 2.48
C VAL B 56 17.13 -11.35 1.13
N LEU B 57 18.06 -11.50 0.19
CA LEU B 57 17.76 -12.03 -1.13
C LEU B 57 18.20 -13.49 -1.22
N LEU B 58 17.36 -14.32 -1.81
CA LEU B 58 17.57 -15.77 -1.84
C LEU B 58 18.12 -16.24 -3.16
N THR B 59 18.18 -15.36 -4.14
CA THR B 59 18.76 -15.69 -5.42
C THR B 59 19.71 -14.61 -5.89
N GLU B 60 20.80 -15.03 -6.50
CA GLU B 60 21.81 -14.11 -7.02
C GLU B 60 21.27 -13.30 -8.20
N LYS B 61 20.14 -13.72 -8.75
CA LYS B 61 19.51 -12.98 -9.85
C LYS B 61 18.92 -11.66 -9.36
N LEU B 62 18.80 -11.52 -8.03
CA LEU B 62 18.45 -10.25 -7.42
C LEU B 62 19.66 -9.84 -6.60
N LYS B 63 20.31 -8.77 -7.03
CA LYS B 63 21.62 -8.45 -6.51
C LYS B 63 21.71 -7.08 -5.89
N PRO B 64 22.02 -7.03 -4.58
CA PRO B 64 22.30 -5.78 -3.87
C PRO B 64 23.68 -5.24 -4.23
N VAL B 65 23.82 -3.92 -4.20
CA VAL B 65 25.13 -3.30 -4.37
C VAL B 65 25.47 -2.52 -3.10
N ASP B 66 26.59 -2.87 -2.49
CA ASP B 66 27.03 -2.26 -1.24
C ASP B 66 25.98 -2.39 -0.15
N TYR B 67 25.39 -3.57 -0.07
CA TYR B 67 24.43 -3.93 0.97
C TYR B 67 23.17 -3.08 0.92
N GLU B 68 22.85 -2.61 -0.28
CA GLU B 68 21.62 -1.86 -0.50
C GLU B 68 20.80 -2.45 -1.63
N TYR B 69 19.50 -2.22 -1.57
CA TYR B 69 18.57 -2.66 -2.60
C TYR B 69 17.31 -1.81 -2.45
N ARG B 70 17.19 -0.81 -3.32
CA ARG B 70 16.27 0.29 -3.14
C ARG B 70 15.54 0.50 -4.43
N GLU B 71 14.23 0.65 -4.34
CA GLU B 71 13.41 0.88 -5.51
C GLU B 71 13.86 2.17 -6.19
N GLU B 72 13.95 2.13 -7.53
CA GLU B 72 14.34 3.25 -8.37
C GLU B 72 15.86 3.41 -8.48
N VAL B 73 16.59 2.68 -7.64
CA VAL B 73 18.05 2.73 -7.67
C VAL B 73 18.65 1.41 -8.16
N HIS B 74 18.27 0.32 -7.50
CA HIS B 74 18.82 -0.99 -7.81
C HIS B 74 17.81 -1.86 -8.55
N TRP B 75 16.54 -1.48 -8.48
CA TRP B 75 15.50 -2.20 -9.19
C TRP B 75 14.32 -1.27 -9.41
N ALA B 76 13.40 -1.66 -10.29
CA ALA B 76 12.22 -0.84 -10.53
C ALA B 76 11.07 -1.68 -11.08
N THR B 77 9.85 -1.20 -10.88
CA THR B 77 8.68 -1.83 -11.49
C THR B 77 8.52 -1.30 -12.90
N HIS B 78 7.97 -2.12 -13.79
CA HIS B 78 7.62 -1.64 -15.12
C HIS B 78 6.22 -2.14 -15.51
N GLN B 79 5.57 -1.39 -16.39
CA GLN B 79 4.25 -1.75 -16.90
C GLN B 79 3.12 -1.72 -15.86
N LEU B 80 2.04 -2.42 -16.15
CA LEU B 80 0.78 -2.23 -15.44
C LEU B 80 0.69 -3.18 -14.26
N ARG B 81 -0.08 -2.80 -13.25
CA ARG B 81 -0.25 -3.66 -12.10
C ARG B 81 -0.57 -5.08 -12.49
N LEU B 82 0.15 -6.01 -11.87
CA LEU B 82 -0.03 -7.43 -12.13
C LEU B 82 -1.27 -7.93 -11.43
N GLY B 83 -1.40 -7.55 -10.17
CA GLY B 83 -2.48 -8.02 -9.34
C GLY B 83 -2.57 -7.31 -8.03
N ARG B 84 -3.48 -7.79 -7.19
CA ARG B 84 -3.67 -7.28 -5.86
C ARG B 84 -3.78 -8.42 -4.88
N GLY B 85 -2.80 -8.52 -3.99
CA GLY B 85 -2.81 -9.52 -2.95
C GLY B 85 -3.60 -9.04 -1.75
N SER B 86 -3.70 -9.90 -0.74
CA SER B 86 -4.51 -9.61 0.43
C SER B 86 -4.01 -8.37 1.19
N PHE B 87 -2.70 -8.15 1.20
CA PHE B 87 -2.10 -7.04 1.95
C PHE B 87 -1.22 -6.13 1.08
N GLY B 88 -1.17 -6.38 -0.22
CA GLY B 88 -0.43 -5.49 -1.08
C GLY B 88 -0.63 -5.71 -2.56
N GLU B 89 -0.37 -4.67 -3.34
CA GLU B 89 -0.39 -4.78 -4.78
C GLU B 89 0.86 -5.50 -5.31
N VAL B 90 0.70 -6.13 -6.46
CA VAL B 90 1.76 -6.91 -7.08
C VAL B 90 2.12 -6.34 -8.44
N HIS B 91 3.42 -6.16 -8.67
CA HIS B 91 3.92 -5.65 -9.95
C HIS B 91 5.07 -6.47 -10.53
N ARG B 92 5.30 -6.24 -11.81
CA ARG B 92 6.50 -6.71 -12.49
C ARG B 92 7.66 -5.79 -12.15
N MET B 93 8.84 -6.38 -12.03
CA MET B 93 10.05 -5.61 -11.81
C MET B 93 11.26 -6.24 -12.51
N GLU B 94 12.28 -5.43 -12.72
CA GLU B 94 13.54 -5.93 -13.23
C GLU B 94 14.67 -5.42 -12.34
N ASP B 95 15.59 -6.31 -12.01
CA ASP B 95 16.80 -5.94 -11.32
C ASP B 95 17.76 -5.24 -12.30
N LYS B 96 18.16 -4.02 -11.95
CA LYS B 96 18.95 -3.16 -12.84
C LYS B 96 20.37 -3.67 -13.05
N GLN B 97 20.82 -4.57 -12.17
CA GLN B 97 22.17 -5.09 -12.26
C GLN B 97 22.23 -6.34 -13.13
N THR B 98 21.23 -7.20 -13.03
CA THR B 98 21.24 -8.49 -13.69
C THR B 98 20.25 -8.59 -14.84
N GLY B 99 19.31 -7.67 -14.90
CA GLY B 99 18.31 -7.66 -15.97
C GLY B 99 17.20 -8.67 -15.70
N PHE B 100 17.31 -9.37 -14.58
CA PHE B 100 16.33 -10.36 -14.16
C PHE B 100 14.95 -9.74 -13.91
N GLN B 101 13.91 -10.35 -14.46
CA GLN B 101 12.55 -9.92 -14.20
C GLN B 101 11.85 -10.88 -13.25
N CYS B 102 11.16 -10.33 -12.26
CA CYS B 102 10.39 -11.12 -11.34
C CYS B 102 9.16 -10.32 -10.94
N ALA B 103 8.49 -10.75 -9.88
CA ALA B 103 7.35 -10.02 -9.37
C ALA B 103 7.65 -9.49 -7.99
N VAL B 104 7.03 -8.36 -7.65
CA VAL B 104 7.17 -7.78 -6.33
C VAL B 104 5.80 -7.46 -5.74
N LYS B 105 5.60 -7.87 -4.49
CA LYS B 105 4.43 -7.46 -3.75
C LYS B 105 4.85 -6.50 -2.64
N LYS B 106 4.30 -5.29 -2.69
CA LYS B 106 4.65 -4.26 -1.74
C LYS B 106 3.65 -4.18 -0.60
N VAL B 107 4.14 -4.39 0.62
CA VAL B 107 3.28 -4.45 1.79
C VAL B 107 3.69 -3.42 2.85
N ARG B 108 2.72 -2.64 3.31
CA ARG B 108 2.98 -1.71 4.42
C ARG B 108 3.41 -2.46 5.67
N LEU B 109 4.46 -1.94 6.30
CA LEU B 109 4.99 -2.51 7.53
C LEU B 109 3.90 -2.76 8.57
N GLU B 110 2.96 -1.83 8.66
CA GLU B 110 1.91 -1.89 9.68
C GLU B 110 0.94 -3.07 9.52
N VAL B 111 0.87 -3.64 8.32
CA VAL B 111 0.00 -4.79 8.09
C VAL B 111 0.79 -6.03 7.68
N PHE B 112 2.11 -5.96 7.82
CA PHE B 112 2.95 -7.07 7.42
C PHE B 112 2.97 -8.18 8.45
N ARG B 113 2.66 -9.38 7.99
CA ARG B 113 2.74 -10.57 8.82
C ARG B 113 3.96 -11.38 8.39
N ALA B 114 4.77 -11.77 9.36
CA ALA B 114 5.96 -12.58 9.10
C ALA B 114 5.60 -13.86 8.32
N GLU B 115 4.42 -14.41 8.59
CA GLU B 115 3.97 -15.65 7.94
C GLU B 115 3.97 -15.52 6.44
N GLU B 116 3.78 -14.29 5.97
CA GLU B 116 3.84 -13.99 4.55
C GLU B 116 5.13 -14.58 3.96
N LEU B 117 6.17 -14.69 4.77
CA LEU B 117 7.45 -15.26 4.32
C LEU B 117 7.79 -16.59 4.98
N MET B 118 7.43 -16.75 6.24
CA MET B 118 7.69 -17.97 6.98
C MET B 118 7.01 -19.18 6.37
N ALA B 119 5.95 -18.94 5.63
CA ALA B 119 5.13 -20.03 5.12
C ALA B 119 5.59 -20.50 3.75
N CYS B 120 6.48 -19.75 3.11
CA CYS B 120 6.91 -20.09 1.75
C CYS B 120 8.43 -20.03 1.56
N ALA B 121 9.15 -19.49 2.53
CA ALA B 121 10.59 -19.27 2.38
C ALA B 121 11.35 -20.59 2.41
N GLY B 122 12.08 -20.86 1.35
CA GLY B 122 12.90 -22.06 1.26
C GLY B 122 12.12 -23.24 0.73
N LEU B 123 10.82 -23.07 0.56
CA LEU B 123 9.99 -24.16 0.09
C LEU B 123 10.28 -24.42 -1.37
N THR B 124 10.34 -25.69 -1.73
CA THR B 124 10.79 -26.08 -3.05
C THR B 124 9.79 -26.99 -3.73
N SER B 125 8.52 -26.61 -3.67
CA SER B 125 7.49 -27.32 -4.41
C SER B 125 7.13 -26.55 -5.67
N PRO B 126 6.95 -27.30 -6.77
CA PRO B 126 6.54 -26.71 -8.05
C PRO B 126 5.10 -26.22 -8.00
N ARG B 127 4.38 -26.57 -6.93
CA ARG B 127 2.98 -26.17 -6.76
C ARG B 127 2.87 -24.95 -5.84
N ILE B 128 4.02 -24.46 -5.39
CA ILE B 128 4.06 -23.25 -4.57
C ILE B 128 4.99 -22.23 -5.19
N VAL B 129 4.43 -21.05 -5.49
CA VAL B 129 5.22 -19.99 -6.08
C VAL B 129 6.45 -19.75 -5.20
N PRO B 130 7.64 -19.79 -5.82
CA PRO B 130 8.92 -19.64 -5.12
C PRO B 130 9.21 -18.20 -4.69
N LEU B 131 9.76 -18.07 -3.49
CA LEU B 131 10.08 -16.78 -2.92
C LEU B 131 11.55 -16.44 -3.19
N TYR B 132 11.79 -15.25 -3.74
CA TYR B 132 13.15 -14.84 -4.10
C TYR B 132 13.79 -13.98 -3.01
N GLY B 133 12.99 -13.49 -2.07
CA GLY B 133 13.50 -12.69 -0.98
C GLY B 133 12.55 -11.58 -0.59
N ALA B 134 12.97 -10.76 0.36
CA ALA B 134 12.18 -9.61 0.78
C ALA B 134 13.09 -8.51 1.32
N VAL B 135 12.78 -7.27 0.95
CA VAL B 135 13.59 -6.14 1.36
C VAL B 135 12.72 -5.00 1.89
N ARG B 136 13.12 -4.46 3.01
CA ARG B 136 12.42 -3.35 3.65
C ARG B 136 13.04 -2.02 3.27
N GLU B 137 12.20 -1.08 2.84
CA GLU B 137 12.58 0.33 2.73
C GLU B 137 11.65 1.16 3.59
N GLY B 138 12.15 1.62 4.73
CA GLY B 138 11.33 2.34 5.68
C GLY B 138 10.11 1.54 6.09
N PRO B 139 8.91 2.09 5.87
CA PRO B 139 7.64 1.46 6.26
C PRO B 139 7.08 0.57 5.16
N TRP B 140 7.94 0.08 4.28
CA TRP B 140 7.52 -0.78 3.19
C TRP B 140 8.32 -2.05 3.13
N VAL B 141 7.63 -3.18 3.02
CA VAL B 141 8.27 -4.46 2.81
C VAL B 141 8.03 -4.94 1.40
N ASN B 142 9.12 -5.13 0.66
CA ASN B 142 9.05 -5.62 -0.70
C ASN B 142 9.27 -7.12 -0.76
N ILE B 143 8.26 -7.85 -1.23
CA ILE B 143 8.33 -9.30 -1.33
C ILE B 143 8.52 -9.68 -2.80
N PHE B 144 9.62 -10.36 -3.07
CA PHE B 144 9.99 -10.71 -4.44
C PHE B 144 9.68 -12.18 -4.67
N MET B 145 9.14 -12.49 -5.85
CA MET B 145 8.73 -13.84 -6.15
C MET B 145 8.78 -14.08 -7.65
N GLU B 146 8.75 -15.35 -8.03
CA GLU B 146 8.69 -15.73 -9.44
C GLU B 146 7.56 -15.04 -10.16
N LEU B 147 7.85 -14.48 -11.32
CA LEU B 147 6.83 -13.91 -12.19
C LEU B 147 6.26 -15.01 -13.09
N LEU B 148 4.94 -15.20 -13.02
CA LEU B 148 4.28 -16.20 -13.86
C LEU B 148 3.51 -15.53 -14.99
N GLU B 149 3.38 -16.23 -16.11
CA GLU B 149 3.06 -15.55 -17.35
C GLU B 149 1.66 -15.91 -17.85
N GLY B 150 1.00 -16.86 -17.20
CA GLY B 150 -0.31 -17.30 -17.65
C GLY B 150 -1.46 -16.77 -16.81
N GLY B 151 -1.18 -15.73 -16.02
CA GLY B 151 -2.19 -15.12 -15.18
C GLY B 151 -2.69 -16.03 -14.07
N SER B 152 -3.74 -15.58 -13.37
CA SER B 152 -4.32 -16.36 -12.29
C SER B 152 -5.46 -17.24 -12.78
N LEU B 153 -5.64 -18.35 -12.09
CA LEU B 153 -6.79 -19.22 -12.29
C LEU B 153 -8.10 -18.44 -12.21
N GLY B 154 -8.14 -17.44 -11.35
CA GLY B 154 -9.31 -16.57 -11.25
C GLY B 154 -9.58 -15.82 -12.54
N GLN B 155 -8.53 -15.29 -13.15
CA GLN B 155 -8.70 -14.55 -14.39
C GLN B 155 -9.13 -15.52 -15.49
N LEU B 156 -8.63 -16.74 -15.41
CA LEU B 156 -8.93 -17.77 -16.40
C LEU B 156 -10.42 -18.08 -16.35
N VAL B 157 -10.90 -18.42 -15.16
CA VAL B 157 -12.29 -18.76 -14.95
C VAL B 157 -13.22 -17.68 -15.46
N LYS B 158 -12.85 -16.42 -15.24
CA LYS B 158 -13.70 -15.32 -15.67
C LYS B 158 -13.76 -15.15 -17.19
N GLU B 159 -12.62 -15.26 -17.86
CA GLU B 159 -12.60 -15.04 -19.30
C GLU B 159 -13.15 -16.24 -20.07
N GLN B 160 -13.17 -17.40 -19.41
CA GLN B 160 -13.77 -18.59 -20.00
C GLN B 160 -15.17 -18.86 -19.42
N GLY B 161 -15.62 -18.02 -18.49
CA GLY B 161 -16.91 -18.19 -17.84
C GLY B 161 -16.85 -19.22 -16.73
N CYS B 162 -16.56 -20.46 -17.10
CA CYS B 162 -16.35 -21.54 -16.15
C CYS B 162 -15.50 -22.52 -16.90
N LEU B 163 -14.85 -23.45 -16.19
CA LEU B 163 -13.93 -24.37 -16.84
C LEU B 163 -14.53 -25.76 -17.06
N PRO B 164 -14.03 -26.46 -18.10
CA PRO B 164 -14.40 -27.86 -18.30
C PRO B 164 -13.95 -28.71 -17.12
N GLU B 165 -14.70 -29.77 -16.87
CA GLU B 165 -14.45 -30.65 -15.73
C GLU B 165 -13.01 -31.12 -15.61
N ASP B 166 -12.40 -31.54 -16.71
CA ASP B 166 -11.04 -32.09 -16.69
C ASP B 166 -10.00 -31.04 -16.30
N ARG B 167 -10.08 -29.86 -16.92
CA ARG B 167 -9.22 -28.74 -16.56
C ARG B 167 -9.29 -28.44 -15.07
N ALA B 168 -10.52 -28.31 -14.57
CA ALA B 168 -10.79 -28.03 -13.18
C ALA B 168 -10.16 -29.07 -12.27
N LEU B 169 -10.36 -30.34 -12.61
CA LEU B 169 -9.78 -31.43 -11.83
C LEU B 169 -8.26 -31.32 -11.79
N TYR B 170 -7.69 -31.01 -12.95
CA TYR B 170 -6.24 -30.93 -13.11
C TYR B 170 -5.66 -29.87 -12.18
N TYR B 171 -6.25 -28.69 -12.22
CA TYR B 171 -5.81 -27.58 -11.37
C TYR B 171 -6.06 -27.87 -9.90
N LEU B 172 -7.24 -28.39 -9.59
CA LEU B 172 -7.57 -28.79 -8.23
C LEU B 172 -6.51 -29.74 -7.68
N GLY B 173 -6.16 -30.75 -8.47
CA GLY B 173 -5.18 -31.75 -8.05
C GLY B 173 -3.81 -31.18 -7.72
N GLN B 174 -3.34 -30.28 -8.58
CA GLN B 174 -2.06 -29.60 -8.34
C GLN B 174 -2.05 -28.75 -7.09
N ALA B 175 -3.13 -27.99 -6.88
CA ALA B 175 -3.29 -27.17 -5.71
C ALA B 175 -3.24 -28.05 -4.47
N LEU B 176 -3.86 -29.21 -4.58
CA LEU B 176 -3.91 -30.16 -3.48
C LEU B 176 -2.52 -30.76 -3.21
N GLU B 177 -1.72 -30.85 -4.26
CA GLU B 177 -0.32 -31.26 -4.15
C GLU B 177 0.44 -30.24 -3.30
N GLY B 178 0.30 -28.97 -3.65
CA GLY B 178 0.87 -27.89 -2.87
C GLY B 178 0.34 -27.84 -1.45
N LEU B 179 -0.98 -27.96 -1.31
CA LEU B 179 -1.61 -27.94 0.02
C LEU B 179 -1.08 -29.06 0.91
N GLU B 180 -0.90 -30.23 0.31
CA GLU B 180 -0.35 -31.40 1.00
C GLU B 180 1.08 -31.09 1.45
N TYR B 181 1.82 -30.45 0.56
CA TYR B 181 3.20 -30.06 0.82
C TYR B 181 3.31 -29.15 2.04
N LEU B 182 2.42 -28.15 2.09
CA LEU B 182 2.39 -27.19 3.21
C LEU B 182 1.96 -27.85 4.51
N HIS B 183 0.88 -28.62 4.46
CA HIS B 183 0.29 -29.19 5.64
C HIS B 183 1.26 -30.15 6.34
N SER B 184 2.00 -30.92 5.54
CA SER B 184 3.01 -31.82 6.08
C SER B 184 4.12 -31.03 6.79
N ARG B 185 4.24 -29.74 6.47
CA ARG B 185 5.19 -28.84 7.12
C ARG B 185 4.51 -27.92 8.13
N ARG B 186 3.28 -28.26 8.50
CA ARG B 186 2.58 -27.52 9.53
C ARG B 186 2.15 -26.15 9.09
N ILE B 187 1.89 -25.99 7.81
CA ILE B 187 1.56 -24.68 7.30
C ILE B 187 0.18 -24.71 6.69
N LEU B 188 -0.70 -23.87 7.21
CA LEU B 188 -1.99 -23.69 6.59
C LEU B 188 -1.99 -22.39 5.81
N HIS B 189 -2.40 -22.48 4.55
CA HIS B 189 -2.35 -21.35 3.63
C HIS B 189 -3.38 -20.28 4.01
N GLY B 190 -4.65 -20.66 4.17
CA GLY B 190 -5.63 -19.79 4.79
C GLY B 190 -6.45 -18.92 3.83
N ASP B 191 -6.14 -19.00 2.55
CA ASP B 191 -6.81 -18.20 1.53
C ASP B 191 -6.77 -18.92 0.18
N VAL B 192 -7.17 -20.20 0.18
CA VAL B 192 -7.17 -21.01 -1.03
C VAL B 192 -8.37 -20.69 -1.92
N LYS B 193 -8.09 -20.06 -3.06
CA LYS B 193 -9.11 -19.64 -3.98
C LYS B 193 -8.47 -19.44 -5.34
N ALA B 194 -9.30 -19.35 -6.37
CA ALA B 194 -8.80 -19.25 -7.75
C ALA B 194 -7.85 -18.06 -7.93
N ASP B 195 -8.19 -16.93 -7.31
CA ASP B 195 -7.36 -15.73 -7.40
C ASP B 195 -5.94 -15.95 -6.86
N ASN B 196 -5.76 -16.98 -6.01
CA ASN B 196 -4.46 -17.26 -5.44
C ASN B 196 -3.81 -18.52 -6.00
N VAL B 197 -4.21 -18.91 -7.20
CA VAL B 197 -3.47 -19.91 -7.95
C VAL B 197 -2.99 -19.27 -9.24
N LEU B 198 -1.70 -19.43 -9.53
CA LEU B 198 -1.06 -18.79 -10.66
C LEU B 198 -0.68 -19.81 -11.72
N LEU B 199 -0.78 -19.40 -12.99
CA LEU B 199 -0.65 -20.31 -14.12
C LEU B 199 0.53 -20.03 -15.05
N SER B 200 1.19 -21.09 -15.52
CA SER B 200 2.18 -20.99 -16.61
C SER B 200 1.55 -20.43 -17.87
N SER B 201 2.39 -19.99 -18.80
CA SER B 201 1.94 -19.46 -20.09
C SER B 201 1.13 -20.49 -20.89
N ASP B 202 1.46 -21.77 -20.72
CA ASP B 202 0.79 -22.84 -21.45
C ASP B 202 -0.31 -23.49 -20.59
N GLY B 203 -0.58 -22.91 -19.42
CA GLY B 203 -1.66 -23.38 -18.56
C GLY B 203 -1.38 -24.71 -17.88
N SER B 204 -0.21 -25.28 -18.14
CA SER B 204 0.10 -26.63 -17.69
C SER B 204 0.51 -26.71 -16.23
N HIS B 205 1.04 -25.62 -15.69
CA HIS B 205 1.55 -25.62 -14.32
C HIS B 205 0.82 -24.57 -13.50
N ALA B 206 0.32 -24.98 -12.34
CA ALA B 206 -0.38 -24.10 -11.44
C ALA B 206 0.33 -24.14 -10.09
N ALA B 207 0.33 -23.02 -9.38
CA ALA B 207 0.97 -22.97 -8.07
C ALA B 207 0.30 -21.96 -7.14
N LEU B 208 0.31 -22.28 -5.86
CA LEU B 208 -0.28 -21.42 -4.83
C LEU B 208 0.54 -20.19 -4.50
N CYS B 209 -0.13 -19.05 -4.38
CA CYS B 209 0.53 -17.80 -4.06
C CYS B 209 -0.18 -17.09 -2.90
N ASP B 210 0.33 -15.91 -2.60
CA ASP B 210 -0.08 -15.06 -1.48
C ASP B 210 -0.38 -15.77 -0.15
N PHE B 211 0.57 -15.70 0.76
CA PHE B 211 0.47 -16.34 2.06
C PHE B 211 0.13 -15.34 3.14
N GLY B 212 -0.54 -14.26 2.76
CA GLY B 212 -0.96 -13.23 3.70
C GLY B 212 -1.90 -13.70 4.80
N HIS B 213 -2.53 -14.86 4.62
CA HIS B 213 -3.48 -15.36 5.62
C HIS B 213 -2.94 -16.61 6.29
N ALA B 214 -1.72 -16.98 5.95
CA ALA B 214 -1.15 -18.22 6.44
C ALA B 214 -0.93 -18.15 7.95
N VAL B 215 -0.93 -19.31 8.58
CA VAL B 215 -0.58 -19.42 9.98
C VAL B 215 0.30 -20.64 10.14
N CYS B 216 1.29 -20.54 11.02
CA CYS B 216 2.26 -21.61 11.20
C CYS B 216 1.93 -22.41 12.45
N LEU B 217 1.36 -23.59 12.23
CA LEU B 217 0.91 -24.47 13.29
C LEU B 217 2.10 -25.14 13.98
N GLN B 218 1.83 -25.83 15.08
CA GLN B 218 2.88 -26.49 15.84
C GLN B 218 2.75 -28.02 15.77
N THR B 228 -5.30 -22.70 16.55
CA THR B 228 -5.77 -21.42 16.05
C THR B 228 -5.96 -20.40 17.17
N GLY B 229 -6.87 -19.47 16.91
CA GLY B 229 -7.16 -18.34 17.76
C GLY B 229 -6.63 -17.15 17.00
N ASP B 230 -5.82 -17.45 15.98
CA ASP B 230 -5.04 -16.45 15.28
C ASP B 230 -5.22 -16.57 13.76
N TYR B 231 -6.30 -17.20 13.33
CA TYR B 231 -6.54 -17.36 11.90
C TYR B 231 -7.31 -16.16 11.36
N ILE B 232 -6.72 -15.44 10.43
CA ILE B 232 -7.41 -14.32 9.82
C ILE B 232 -8.18 -14.82 8.60
N PRO B 233 -9.51 -14.65 8.61
CA PRO B 233 -10.34 -15.24 7.58
C PRO B 233 -10.14 -14.58 6.21
N GLY B 234 -10.21 -15.38 5.15
CA GLY B 234 -10.16 -14.88 3.79
C GLY B 234 -11.56 -14.55 3.29
N THR B 235 -11.87 -15.03 2.09
CA THR B 235 -13.14 -14.72 1.47
C THR B 235 -14.27 -15.56 2.04
N GLU B 236 -15.34 -14.89 2.46
CA GLU B 236 -16.41 -15.53 3.22
C GLU B 236 -17.00 -16.76 2.52
N THR B 237 -17.09 -16.72 1.20
CA THR B 237 -17.68 -17.80 0.41
C THR B 237 -16.86 -19.09 0.42
N HIS B 238 -15.60 -19.00 0.83
CA HIS B 238 -14.70 -20.14 0.82
C HIS B 238 -14.42 -20.60 2.24
N MET B 239 -15.09 -19.97 3.21
CA MET B 239 -14.82 -20.27 4.61
C MET B 239 -15.56 -21.51 5.08
N ALA B 240 -14.83 -22.34 5.81
CA ALA B 240 -15.37 -23.55 6.39
C ALA B 240 -16.19 -23.22 7.65
N PRO B 241 -17.17 -24.07 7.96
CA PRO B 241 -18.08 -23.90 9.11
C PRO B 241 -17.34 -23.72 10.44
N GLU B 242 -16.20 -24.38 10.61
CA GLU B 242 -15.49 -24.30 11.90
C GLU B 242 -14.80 -22.95 12.07
N VAL B 243 -14.44 -22.34 10.94
CA VAL B 243 -13.82 -21.02 10.96
C VAL B 243 -14.87 -20.01 11.39
N VAL B 244 -16.00 -20.09 10.71
CA VAL B 244 -17.07 -19.12 10.83
C VAL B 244 -17.77 -19.22 12.17
N LEU B 245 -17.66 -20.37 12.83
CA LEU B 245 -18.25 -20.56 14.15
C LEU B 245 -17.31 -20.04 15.23
N GLY B 246 -16.08 -19.74 14.86
CA GLY B 246 -15.11 -19.20 15.80
C GLY B 246 -14.38 -20.30 16.55
N ARG B 247 -14.38 -21.49 15.97
CA ARG B 247 -13.73 -22.63 16.59
C ARG B 247 -12.28 -22.73 16.24
N SER B 248 -11.61 -23.71 16.83
CA SER B 248 -10.21 -23.89 16.53
C SER B 248 -10.08 -24.47 15.13
N CYS B 249 -9.03 -24.07 14.41
CA CYS B 249 -8.91 -24.35 12.98
C CYS B 249 -7.62 -25.09 12.68
N ASP B 250 -7.69 -25.96 11.68
CA ASP B 250 -6.55 -26.71 11.22
C ASP B 250 -6.51 -26.73 9.70
N ALA B 251 -5.60 -27.53 9.14
CA ALA B 251 -5.37 -27.59 7.71
C ALA B 251 -6.63 -27.91 6.90
N LYS B 252 -7.62 -28.54 7.53
CA LYS B 252 -8.82 -28.95 6.84
C LYS B 252 -9.55 -27.75 6.25
N VAL B 253 -9.30 -26.59 6.85
CA VAL B 253 -9.80 -25.32 6.33
C VAL B 253 -9.44 -25.16 4.84
N ASP B 254 -8.19 -25.48 4.50
CA ASP B 254 -7.72 -25.36 3.13
C ASP B 254 -8.45 -26.34 2.21
N VAL B 255 -8.75 -27.52 2.73
CA VAL B 255 -9.43 -28.55 1.95
C VAL B 255 -10.84 -28.09 1.57
N TRP B 256 -11.56 -27.55 2.54
CA TRP B 256 -12.87 -26.98 2.28
C TRP B 256 -12.82 -25.88 1.22
N SER B 257 -11.87 -24.96 1.39
CA SER B 257 -11.69 -23.86 0.46
C SER B 257 -11.43 -24.38 -0.95
N SER B 258 -10.55 -25.37 -1.05
CA SER B 258 -10.19 -25.92 -2.35
C SER B 258 -11.43 -26.40 -3.10
N CYS B 259 -12.38 -26.99 -2.38
CA CYS B 259 -13.59 -27.53 -3.01
C CYS B 259 -14.55 -26.40 -3.37
N CYS B 260 -14.54 -25.35 -2.56
CA CYS B 260 -15.27 -24.14 -2.90
C CYS B 260 -14.72 -23.58 -4.20
N MET B 261 -13.40 -23.65 -4.34
CA MET B 261 -12.72 -23.17 -5.54
C MET B 261 -13.08 -24.05 -6.72
N MET B 262 -13.17 -25.35 -6.47
CA MET B 262 -13.59 -26.29 -7.49
C MET B 262 -14.99 -25.96 -8.02
N LEU B 263 -15.93 -25.74 -7.11
CA LEU B 263 -17.27 -25.34 -7.49
C LEU B 263 -17.22 -24.09 -8.36
N HIS B 264 -16.33 -23.18 -7.98
CA HIS B 264 -16.17 -21.92 -8.69
C HIS B 264 -15.70 -22.13 -10.14
N MET B 265 -14.74 -23.03 -10.33
CA MET B 265 -14.24 -23.34 -11.66
C MET B 265 -15.35 -23.94 -12.51
N LEU B 266 -16.13 -24.82 -11.91
CA LEU B 266 -17.14 -25.56 -12.65
C LEU B 266 -18.33 -24.67 -13.05
N ASN B 267 -18.78 -23.84 -12.11
CA ASN B 267 -19.98 -23.05 -12.31
C ASN B 267 -19.71 -21.62 -12.76
N GLY B 268 -18.48 -21.14 -12.52
CA GLY B 268 -18.13 -19.80 -12.95
C GLY B 268 -18.61 -18.78 -11.94
N CYS B 269 -18.96 -19.26 -10.75
CA CYS B 269 -19.45 -18.38 -9.68
C CYS B 269 -19.13 -19.09 -8.36
N HIS B 270 -18.93 -18.30 -7.31
CA HIS B 270 -18.65 -18.85 -5.99
C HIS B 270 -19.90 -19.62 -5.52
N PRO B 271 -19.70 -20.53 -4.57
CA PRO B 271 -20.66 -21.45 -3.97
C PRO B 271 -21.99 -20.85 -3.47
N TRP B 272 -21.94 -19.95 -2.52
CA TRP B 272 -23.17 -19.52 -1.84
C TRP B 272 -23.90 -18.33 -2.48
N THR B 273 -23.13 -17.47 -3.11
CA THR B 273 -23.61 -16.15 -3.53
C THR B 273 -24.94 -16.15 -4.27
N GLN B 274 -25.20 -17.16 -5.09
CA GLN B 274 -26.40 -17.14 -5.92
C GLN B 274 -27.70 -17.48 -5.19
N PHE B 275 -27.64 -17.89 -3.93
CA PHE B 275 -28.82 -18.36 -3.22
C PHE B 275 -29.04 -17.68 -1.88
N PHE B 276 -28.02 -16.96 -1.41
CA PHE B 276 -28.15 -16.26 -0.14
C PHE B 276 -27.59 -14.86 -0.22
N ARG B 277 -27.93 -14.05 0.77
CA ARG B 277 -27.40 -12.70 0.87
C ARG B 277 -26.50 -12.65 2.09
N GLY B 278 -25.57 -11.69 2.09
CA GLY B 278 -24.56 -11.62 3.12
C GLY B 278 -25.09 -10.96 4.37
N PRO B 279 -24.42 -11.18 5.51
CA PRO B 279 -23.26 -12.08 5.55
C PRO B 279 -23.64 -13.56 5.51
N LEU B 280 -22.77 -14.36 4.92
CA LEU B 280 -23.02 -15.78 4.69
C LEU B 280 -22.57 -16.61 5.88
N CYS B 281 -21.96 -15.94 6.84
CA CYS B 281 -21.39 -16.60 8.00
C CYS B 281 -22.40 -17.53 8.65
N LEU B 282 -23.59 -16.97 8.86
CA LEU B 282 -24.71 -17.70 9.44
C LEU B 282 -25.12 -18.92 8.61
N LYS B 283 -25.21 -18.72 7.30
CA LYS B 283 -25.71 -19.73 6.39
C LYS B 283 -24.78 -20.93 6.27
N ILE B 284 -23.50 -20.62 6.15
CA ILE B 284 -22.46 -21.64 6.10
C ILE B 284 -22.55 -22.54 7.33
N ALA B 285 -22.81 -21.91 8.47
CA ALA B 285 -22.89 -22.63 9.73
C ALA B 285 -24.14 -23.51 9.79
N SER B 286 -25.27 -22.96 9.36
CA SER B 286 -26.57 -23.58 9.57
C SER B 286 -26.95 -24.52 8.45
N GLU B 287 -26.86 -24.02 7.22
CA GLU B 287 -27.23 -24.79 6.05
C GLU B 287 -26.31 -25.99 5.88
N PRO B 288 -26.77 -26.99 5.13
CA PRO B 288 -25.90 -28.11 4.75
C PRO B 288 -24.82 -27.65 3.78
N PRO B 289 -23.75 -28.45 3.65
CA PRO B 289 -22.66 -28.12 2.71
C PRO B 289 -23.22 -27.97 1.30
N PRO B 290 -22.63 -27.07 0.50
CA PRO B 290 -23.09 -26.66 -0.83
C PRO B 290 -22.88 -27.73 -1.92
N VAL B 291 -23.02 -28.99 -1.54
CA VAL B 291 -22.90 -30.11 -2.48
C VAL B 291 -23.96 -30.07 -3.59
N ARG B 292 -25.07 -29.38 -3.32
CA ARG B 292 -26.14 -29.26 -4.29
C ARG B 292 -25.76 -28.37 -5.47
N GLU B 293 -24.62 -27.69 -5.33
CA GLU B 293 -24.17 -26.78 -6.38
C GLU B 293 -23.29 -27.50 -7.37
N ILE B 294 -22.97 -28.76 -7.04
CA ILE B 294 -22.31 -29.61 -7.99
C ILE B 294 -23.19 -29.80 -9.23
N PRO B 295 -22.62 -29.55 -10.39
CA PRO B 295 -23.34 -29.73 -11.65
C PRO B 295 -23.64 -31.23 -11.83
N PRO B 296 -24.92 -31.59 -12.11
CA PRO B 296 -25.37 -32.98 -12.25
C PRO B 296 -24.68 -33.71 -13.39
N SER B 297 -24.26 -32.94 -14.40
CA SER B 297 -23.60 -33.49 -15.57
C SER B 297 -22.21 -34.03 -15.20
N CYS B 298 -21.74 -33.74 -13.99
CA CYS B 298 -20.40 -34.16 -13.58
C CYS B 298 -20.30 -35.65 -13.35
N ALA B 299 -19.08 -36.14 -13.44
CA ALA B 299 -18.78 -37.55 -13.20
C ALA B 299 -18.99 -37.91 -11.73
N PRO B 300 -19.42 -39.15 -11.49
CA PRO B 300 -19.65 -39.73 -10.15
C PRO B 300 -18.51 -39.46 -9.19
N LEU B 301 -17.29 -39.70 -9.66
CA LEU B 301 -16.10 -39.62 -8.82
C LEU B 301 -15.77 -38.18 -8.47
N THR B 302 -16.02 -37.29 -9.41
CA THR B 302 -15.83 -35.85 -9.23
C THR B 302 -16.74 -35.33 -8.12
N ALA B 303 -18.04 -35.61 -8.26
CA ALA B 303 -19.04 -35.17 -7.31
C ALA B 303 -18.77 -35.69 -5.92
N GLN B 304 -18.35 -36.95 -5.83
CA GLN B 304 -18.10 -37.58 -4.54
C GLN B 304 -16.89 -36.98 -3.84
N ALA B 305 -15.87 -36.67 -4.63
CA ALA B 305 -14.65 -36.04 -4.11
C ALA B 305 -14.98 -34.72 -3.42
N ILE B 306 -15.77 -33.91 -4.12
CA ILE B 306 -16.20 -32.61 -3.62
C ILE B 306 -17.03 -32.73 -2.34
N GLN B 307 -17.88 -33.75 -2.27
CA GLN B 307 -18.70 -33.99 -1.09
C GLN B 307 -17.83 -34.27 0.14
N GLU B 308 -16.73 -34.96 -0.11
CA GLU B 308 -15.83 -35.38 0.95
C GLU B 308 -14.97 -34.24 1.44
N GLY B 309 -14.60 -33.38 0.51
CA GLY B 309 -13.90 -32.15 0.81
C GLY B 309 -14.82 -31.16 1.51
N LEU B 310 -16.12 -31.23 1.22
CA LEU B 310 -17.07 -30.30 1.80
C LEU B 310 -17.93 -30.91 2.91
N ARG B 311 -17.35 -31.82 3.69
CA ARG B 311 -18.02 -32.30 4.89
C ARG B 311 -17.87 -31.27 6.00
N LYS B 312 -18.98 -30.93 6.65
CA LYS B 312 -19.01 -29.80 7.58
C LYS B 312 -18.14 -29.99 8.83
N GLU B 313 -17.97 -31.22 9.29
CA GLU B 313 -17.04 -31.49 10.38
C GLU B 313 -15.64 -31.82 9.83
N PRO B 314 -14.67 -30.91 10.09
CA PRO B 314 -13.29 -30.97 9.58
C PRO B 314 -12.64 -32.31 9.88
N ILE B 315 -13.09 -32.88 10.99
CA ILE B 315 -12.63 -34.14 11.51
C ILE B 315 -12.98 -35.30 10.58
N HIS B 316 -14.19 -35.28 10.03
CA HIS B 316 -14.63 -36.29 9.08
C HIS B 316 -14.26 -35.89 7.65
N ARG B 317 -13.77 -34.67 7.50
CA ARG B 317 -13.40 -34.16 6.19
C ARG B 317 -12.05 -34.76 5.79
N VAL B 318 -11.93 -35.13 4.51
CA VAL B 318 -10.68 -35.72 4.05
C VAL B 318 -9.52 -34.73 4.06
N SER B 319 -8.32 -35.27 4.22
CA SER B 319 -7.11 -34.47 4.15
C SER B 319 -6.82 -34.14 2.69
N ALA B 320 -5.90 -33.20 2.47
CA ALA B 320 -5.55 -32.77 1.14
C ALA B 320 -4.95 -33.93 0.32
N ALA B 321 -4.18 -34.77 0.99
CA ALA B 321 -3.58 -35.95 0.36
C ALA B 321 -4.65 -36.94 -0.13
N GLU B 322 -5.52 -37.34 0.78
CA GLU B 322 -6.66 -38.20 0.46
C GLU B 322 -7.44 -37.65 -0.73
N LEU B 323 -7.77 -36.37 -0.65
CA LEU B 323 -8.57 -35.73 -1.67
C LEU B 323 -7.87 -35.73 -3.02
N GLY B 324 -6.56 -35.59 -2.99
CA GLY B 324 -5.77 -35.55 -4.21
C GLY B 324 -5.88 -36.83 -5.02
N GLY B 325 -5.79 -37.96 -4.35
CA GLY B 325 -5.93 -39.25 -4.99
C GLY B 325 -7.26 -39.36 -5.72
N LYS B 326 -8.33 -39.03 -5.01
CA LYS B 326 -9.67 -39.10 -5.55
C LYS B 326 -9.76 -38.24 -6.79
N VAL B 327 -9.08 -37.10 -6.73
CA VAL B 327 -9.21 -36.09 -7.75
C VAL B 327 -8.47 -36.52 -9.00
N ASN B 328 -7.28 -37.08 -8.79
CA ASN B 328 -6.51 -37.70 -9.86
C ASN B 328 -7.28 -38.85 -10.52
N ARG B 329 -7.85 -39.72 -9.69
CA ARG B 329 -8.63 -40.84 -10.19
C ARG B 329 -9.80 -40.33 -11.00
N ALA B 330 -10.48 -39.32 -10.47
CA ALA B 330 -11.61 -38.72 -11.16
C ALA B 330 -11.17 -38.20 -12.53
N LEU B 331 -9.99 -37.59 -12.58
CA LEU B 331 -9.46 -37.07 -13.83
C LEU B 331 -9.25 -38.20 -14.86
N GLN B 332 -8.69 -39.31 -14.39
CA GLN B 332 -8.57 -40.53 -15.19
C GLN B 332 -9.91 -40.93 -15.79
N GLN B 333 -10.85 -41.21 -14.90
CA GLN B 333 -12.17 -41.67 -15.30
C GLN B 333 -12.76 -40.78 -16.39
N VAL B 334 -12.38 -39.50 -16.39
CA VAL B 334 -12.92 -38.53 -17.35
C VAL B 334 -12.07 -38.46 -18.63
N GLY B 335 -10.89 -39.06 -18.59
CA GLY B 335 -10.06 -39.15 -19.77
C GLY B 335 -8.80 -38.32 -19.69
N GLY B 336 -8.41 -37.91 -18.49
CA GLY B 336 -7.22 -37.09 -18.33
C GLY B 336 -7.42 -35.72 -18.92
N LEU B 337 -6.39 -34.88 -18.86
CA LEU B 337 -6.50 -33.52 -19.34
C LEU B 337 -6.44 -33.49 -20.86
N LYS B 338 -7.54 -33.06 -21.47
CA LYS B 338 -7.65 -33.03 -22.93
C LYS B 338 -8.19 -31.71 -23.46
N SER B 339 -8.96 -31.01 -22.63
CA SER B 339 -9.60 -29.79 -23.09
C SER B 339 -8.56 -28.72 -23.38
N PRO B 340 -8.80 -27.93 -24.43
CA PRO B 340 -7.84 -26.94 -24.93
C PRO B 340 -7.65 -25.72 -24.02
N TRP B 341 -6.45 -25.16 -24.06
CA TRP B 341 -6.08 -24.02 -23.23
C TRP B 341 -6.51 -22.74 -23.95
N ARG B 342 -7.29 -21.92 -23.24
CA ARG B 342 -7.90 -20.72 -23.82
C ARG B 342 -9.01 -21.18 -24.77
N GLY B 343 -9.58 -22.33 -24.43
CA GLY B 343 -10.72 -22.91 -25.10
C GLY B 343 -11.88 -21.95 -25.31
N GLU B 344 -13.04 -22.53 -25.56
CA GLU B 344 -14.21 -21.78 -25.97
C GLU B 344 -15.04 -21.39 -24.75
N TYR B 345 -15.57 -20.18 -24.77
CA TYR B 345 -16.36 -19.66 -23.65
C TYR B 345 -17.48 -20.62 -23.31
N LYS B 346 -17.59 -20.96 -22.02
CA LYS B 346 -18.69 -21.76 -21.53
C LYS B 346 -19.44 -20.93 -20.52
N GLU B 347 -20.73 -20.72 -20.77
CA GLU B 347 -21.50 -19.81 -19.93
C GLU B 347 -21.48 -20.31 -18.49
N PRO B 348 -21.17 -19.42 -17.55
CA PRO B 348 -21.22 -19.84 -16.14
C PRO B 348 -22.67 -20.02 -15.72
N ARG B 349 -22.88 -20.75 -14.64
CA ARG B 349 -24.23 -21.03 -14.18
C ARG B 349 -24.91 -19.72 -13.81
N HIS B 350 -26.15 -19.56 -14.27
CA HIS B 350 -26.93 -18.36 -13.97
C HIS B 350 -27.56 -18.48 -12.59
N PRO B 351 -27.83 -17.33 -11.97
CA PRO B 351 -28.55 -17.31 -10.69
C PRO B 351 -30.04 -17.46 -10.93
N PRO B 352 -30.79 -17.77 -9.87
CA PRO B 352 -32.27 -17.86 -9.88
C PRO B 352 -32.91 -16.47 -9.89
N PRO B 353 -34.12 -16.36 -10.44
CA PRO B 353 -34.92 -15.13 -10.41
C PRO B 353 -35.43 -14.83 -9.01
#